data_1NIL
# 
_entry.id   1NIL 
# 
_audit_conform.dict_name       mmcif_pdbx.dic 
_audit_conform.dict_version    5.398 
_audit_conform.dict_location   http://mmcif.pdb.org/dictionaries/ascii/mmcif_pdbx.dic 
# 
loop_
_database_2.database_id 
_database_2.database_code 
_database_2.pdbx_database_accession 
_database_2.pdbx_DOI 
PDB   1NIL         pdb_00001nil 10.2210/pdb1nil/pdb 
WWPDB D_1000175303 ?            ?                   
# 
loop_
_pdbx_audit_revision_history.ordinal 
_pdbx_audit_revision_history.data_content_type 
_pdbx_audit_revision_history.major_revision 
_pdbx_audit_revision_history.minor_revision 
_pdbx_audit_revision_history.revision_date 
1 'Structure model' 1 0 1996-01-29 
2 'Structure model' 1 1 2008-03-24 
3 'Structure model' 1 2 2011-07-13 
4 'Structure model' 1 3 2017-11-29 
5 'Structure model' 1 4 2024-10-30 
# 
_pdbx_audit_revision_details.ordinal             1 
_pdbx_audit_revision_details.revision_ordinal    1 
_pdbx_audit_revision_details.data_content_type   'Structure model' 
_pdbx_audit_revision_details.provider            repository 
_pdbx_audit_revision_details.type                'Initial release' 
_pdbx_audit_revision_details.description         ? 
_pdbx_audit_revision_details.details             ? 
# 
loop_
_pdbx_audit_revision_group.ordinal 
_pdbx_audit_revision_group.revision_ordinal 
_pdbx_audit_revision_group.data_content_type 
_pdbx_audit_revision_group.group 
1 2 'Structure model' 'Version format compliance' 
2 3 'Structure model' 'Version format compliance' 
3 4 'Structure model' 'Derived calculations'      
4 4 'Structure model' Other                       
5 5 'Structure model' 'Data collection'           
6 5 'Structure model' 'Database references'       
7 5 'Structure model' 'Derived calculations'      
8 5 'Structure model' 'Structure summary'         
# 
loop_
_pdbx_audit_revision_category.ordinal 
_pdbx_audit_revision_category.revision_ordinal 
_pdbx_audit_revision_category.data_content_type 
_pdbx_audit_revision_category.category 
1  4 'Structure model' pdbx_database_status      
2  4 'Structure model' pdbx_struct_assembly      
3  4 'Structure model' pdbx_struct_oper_list     
4  4 'Structure model' struct_conf               
5  5 'Structure model' chem_comp_atom            
6  5 'Structure model' chem_comp_bond            
7  5 'Structure model' database_2                
8  5 'Structure model' pdbx_entry_details        
9  5 'Structure model' pdbx_modification_feature 
10 5 'Structure model' struct_conn               
# 
loop_
_pdbx_audit_revision_item.ordinal 
_pdbx_audit_revision_item.revision_ordinal 
_pdbx_audit_revision_item.data_content_type 
_pdbx_audit_revision_item.item 
1 4 'Structure model' '_pdbx_database_status.process_site'  
2 5 'Structure model' '_database_2.pdbx_DOI'                
3 5 'Structure model' '_database_2.pdbx_database_accession' 
4 5 'Structure model' '_struct_conn.pdbx_leaving_atom_flag' 
# 
_pdbx_database_status.status_code                     REL 
_pdbx_database_status.entry_id                        1NIL 
_pdbx_database_status.recvd_initial_deposition_date   1995-10-05 
_pdbx_database_status.deposit_site                    ? 
_pdbx_database_status.process_site                    BNL 
_pdbx_database_status.status_code_sf                  ? 
_pdbx_database_status.status_code_mr                  REL 
_pdbx_database_status.SG_entry                        ? 
_pdbx_database_status.pdb_format_compatible           Y 
_pdbx_database_status.status_code_cs                  ? 
_pdbx_database_status.methods_development_category    ? 
_pdbx_database_status.status_code_nmr_data            ? 
# 
_pdbx_database_related.db_name        PDB 
_pdbx_database_related.db_id          1NIM 
_pdbx_database_related.details        . 
_pdbx_database_related.content_type   ensemble 
# 
loop_
_audit_author.name 
_audit_author.pdbx_ordinal 
'Campbell, A.P.' 1 
'Mcinnes, C.'    2 
'Hodges, R.S.'   3 
'Sykes, B.D.'    4 
# 
loop_
_citation.id 
_citation.title 
_citation.journal_abbrev 
_citation.journal_volume 
_citation.page_first 
_citation.page_last 
_citation.year 
_citation.journal_id_ASTM 
_citation.country 
_citation.journal_id_ISSN 
_citation.journal_id_CSD 
_citation.book_publisher 
_citation.pdbx_database_id_PubMed 
_citation.pdbx_database_id_DOI 
primary 
;Comparison of NMR solution structures of the receptor binding domains of Pseudomonas aeruginosa pili strains PAO, KB7, and PAK: implications for receptor binding and synthetic vaccine design.
;
Biochemistry 34 16255 16268 1995 BICHAW US 0006-2960 0033 ? 8845350 10.1021/bi00050a005 
1       
;Conformational Differences between Cis and Trans Proline Isomers of a Peptide Antigen Representing the Receptor Binding Domain of Pseudomonas Aeruginosa as Studied by 1H NMR
;
Biopolymers  34 1221  ?     1994 BIPMAA US 0006-3525 0161 ? ?       ?                   
2       
'NMR Solution Structure and Flexibility of a Peptide Antigen Representing the Receptor Binding Domain of Pseudomonas Aeruginosa' 
Biochemistry 32 13432 ?     1993 BICHAW US 0006-2960 0033 ? ?       ?                   
# 
loop_
_citation_author.citation_id 
_citation_author.name 
_citation_author.ordinal 
_citation_author.identifier_ORCID 
primary 'Campbell, A.P.'    1  ? 
primary 'McInnes, C.'       2  ? 
primary 'Hodges, R.S.'      3  ? 
primary 'Sykes, B.D.'       4  ? 
1       'Mcinnes, C.'       5  ? 
1       'Kay, C.M.'         6  ? 
1       'Hodges, R.S.'      7  ? 
1       'Sykes, B.D.'       8  ? 
2       'Mcinnes, C.'       9  ? 
2       'Soennichsen, F.D.' 10 ? 
2       'Kay, C.M.'         11 ? 
2       'Hodges, R.S.'      12 ? 
2       'Sykes, B.D.'       13 ? 
# 
_entity.id                         1 
_entity.type                       polymer 
_entity.src_method                 man 
_entity.pdbx_description           'PAK PILIN, TRANS' 
_entity.formula_weight             1943.182 
_entity.pdbx_number_of_molecules   1 
_entity.pdbx_ec                    ? 
_entity.pdbx_mutation              ? 
_entity.pdbx_fragment              ? 
_entity.details                    ? 
# 
_entity_name_com.entity_id   1 
_entity_name_com.name        'FIMBRIAL PROTEIN' 
# 
_entity_poly.entity_id                      1 
_entity_poly.type                           'polypeptide(L)' 
_entity_poly.nstd_linkage                   no 
_entity_poly.nstd_monomer                   yes 
_entity_poly.pdbx_seq_one_letter_code       '(ACE)KCTSDQDEQFIPKGCSK' 
_entity_poly.pdbx_seq_one_letter_code_can   XKCTSDQDEQFIPKGCSK 
_entity_poly.pdbx_strand_id                 A 
_entity_poly.pdbx_target_identifier         ? 
# 
loop_
_entity_poly_seq.entity_id 
_entity_poly_seq.num 
_entity_poly_seq.mon_id 
_entity_poly_seq.hetero 
1 1  ACE n 
1 2  LYS n 
1 3  CYS n 
1 4  THR n 
1 5  SER n 
1 6  ASP n 
1 7  GLN n 
1 8  ASP n 
1 9  GLU n 
1 10 GLN n 
1 11 PHE n 
1 12 ILE n 
1 13 PRO n 
1 14 LYS n 
1 15 GLY n 
1 16 CYS n 
1 17 SER n 
1 18 LYS n 
# 
_entity_src_gen.entity_id                          1 
_entity_src_gen.pdbx_src_id                        1 
_entity_src_gen.pdbx_alt_source_flag               sample 
_entity_src_gen.pdbx_seq_type                      ? 
_entity_src_gen.pdbx_beg_seq_num                   ? 
_entity_src_gen.pdbx_end_seq_num                   ? 
_entity_src_gen.gene_src_common_name               ? 
_entity_src_gen.gene_src_genus                     Pseudomonas 
_entity_src_gen.pdbx_gene_src_gene                 ? 
_entity_src_gen.gene_src_species                   ? 
_entity_src_gen.gene_src_strain                    K 
_entity_src_gen.gene_src_tissue                    ? 
_entity_src_gen.gene_src_tissue_fraction           ? 
_entity_src_gen.gene_src_details                   ? 
_entity_src_gen.pdbx_gene_src_fragment             ? 
_entity_src_gen.pdbx_gene_src_scientific_name      'Pseudomonas aeruginosa' 
_entity_src_gen.pdbx_gene_src_ncbi_taxonomy_id     287 
_entity_src_gen.pdbx_gene_src_variant              ? 
_entity_src_gen.pdbx_gene_src_cell_line            ? 
_entity_src_gen.pdbx_gene_src_atcc                 ? 
_entity_src_gen.pdbx_gene_src_organ                ? 
_entity_src_gen.pdbx_gene_src_organelle            ? 
_entity_src_gen.pdbx_gene_src_cell                 ? 
_entity_src_gen.pdbx_gene_src_cellular_location    ? 
_entity_src_gen.host_org_common_name               ? 
_entity_src_gen.pdbx_host_org_scientific_name      ? 
_entity_src_gen.pdbx_host_org_ncbi_taxonomy_id     ? 
_entity_src_gen.host_org_genus                     ? 
_entity_src_gen.pdbx_host_org_gene                 ? 
_entity_src_gen.pdbx_host_org_organ                ? 
_entity_src_gen.host_org_species                   ? 
_entity_src_gen.pdbx_host_org_tissue               ? 
_entity_src_gen.pdbx_host_org_tissue_fraction      ? 
_entity_src_gen.pdbx_host_org_strain               ? 
_entity_src_gen.pdbx_host_org_variant              ? 
_entity_src_gen.pdbx_host_org_cell_line            ? 
_entity_src_gen.pdbx_host_org_atcc                 ? 
_entity_src_gen.pdbx_host_org_culture_collection   ? 
_entity_src_gen.pdbx_host_org_cell                 ? 
_entity_src_gen.pdbx_host_org_organelle            ? 
_entity_src_gen.pdbx_host_org_cellular_location    ? 
_entity_src_gen.pdbx_host_org_vector_type          ? 
_entity_src_gen.pdbx_host_org_vector               ? 
_entity_src_gen.host_org_details                   ? 
_entity_src_gen.expression_system_id               ? 
_entity_src_gen.plasmid_name                       ? 
_entity_src_gen.plasmid_details                    ? 
_entity_src_gen.pdbx_description                   ? 
# 
loop_
_chem_comp.id 
_chem_comp.type 
_chem_comp.mon_nstd_flag 
_chem_comp.name 
_chem_comp.pdbx_synonyms 
_chem_comp.formula 
_chem_comp.formula_weight 
ACE non-polymer         . 'ACETYL GROUP'  ? 'C2 H4 O'        44.053  
ASP 'L-peptide linking' y 'ASPARTIC ACID' ? 'C4 H7 N O4'     133.103 
CYS 'L-peptide linking' y CYSTEINE        ? 'C3 H7 N O2 S'   121.158 
GLN 'L-peptide linking' y GLUTAMINE       ? 'C5 H10 N2 O3'   146.144 
GLU 'L-peptide linking' y 'GLUTAMIC ACID' ? 'C5 H9 N O4'     147.129 
GLY 'peptide linking'   y GLYCINE         ? 'C2 H5 N O2'     75.067  
ILE 'L-peptide linking' y ISOLEUCINE      ? 'C6 H13 N O2'    131.173 
LYS 'L-peptide linking' y LYSINE          ? 'C6 H15 N2 O2 1' 147.195 
PHE 'L-peptide linking' y PHENYLALANINE   ? 'C9 H11 N O2'    165.189 
PRO 'L-peptide linking' y PROLINE         ? 'C5 H9 N O2'     115.130 
SER 'L-peptide linking' y SERINE          ? 'C3 H7 N O3'     105.093 
THR 'L-peptide linking' y THREONINE       ? 'C4 H9 N O3'     119.119 
# 
loop_
_pdbx_poly_seq_scheme.asym_id 
_pdbx_poly_seq_scheme.entity_id 
_pdbx_poly_seq_scheme.seq_id 
_pdbx_poly_seq_scheme.mon_id 
_pdbx_poly_seq_scheme.ndb_seq_num 
_pdbx_poly_seq_scheme.pdb_seq_num 
_pdbx_poly_seq_scheme.auth_seq_num 
_pdbx_poly_seq_scheme.pdb_mon_id 
_pdbx_poly_seq_scheme.auth_mon_id 
_pdbx_poly_seq_scheme.pdb_strand_id 
_pdbx_poly_seq_scheme.pdb_ins_code 
_pdbx_poly_seq_scheme.hetero 
A 1 1  ACE 1  127 127 ACE ACE A . n 
A 1 2  LYS 2  128 128 LYS LYS A . n 
A 1 3  CYS 3  129 129 CYS CYS A . n 
A 1 4  THR 4  130 130 THR THR A . n 
A 1 5  SER 5  131 131 SER SER A . n 
A 1 6  ASP 6  132 132 ASP ASP A . n 
A 1 7  GLN 7  133 133 GLN GLN A . n 
A 1 8  ASP 8  134 134 ASP ASP A . n 
A 1 9  GLU 9  135 135 GLU GLU A . n 
A 1 10 GLN 10 136 136 GLN GLN A . n 
A 1 11 PHE 11 137 137 PHE PHE A . n 
A 1 12 ILE 12 138 138 ILE ILE A . n 
A 1 13 PRO 13 139 139 PRO PRO A . n 
A 1 14 LYS 14 140 140 LYS LYS A . n 
A 1 15 GLY 15 141 141 GLY GLY A . n 
A 1 16 CYS 16 142 142 CYS CYS A . n 
A 1 17 SER 17 143 143 SER SER A . n 
A 1 18 LYS 18 144 144 LYS LYS A . n 
# 
_cell.entry_id           1NIL 
_cell.length_a           1.000 
_cell.length_b           1.000 
_cell.length_c           1.000 
_cell.angle_alpha        90.00 
_cell.angle_beta         90.00 
_cell.angle_gamma        90.00 
_cell.Z_PDB              1 
_cell.pdbx_unique_axis   ? 
# 
_symmetry.entry_id                         1NIL 
_symmetry.space_group_name_H-M             'P 1' 
_symmetry.pdbx_full_space_group_name_H-M   ? 
_symmetry.cell_setting                     ? 
_symmetry.Int_Tables_number                1 
# 
_exptl.entry_id          1NIL 
_exptl.method            'SOLUTION NMR' 
_exptl.crystals_number   ? 
# 
_struct.entry_id                  1NIL 
_struct.title                     
;A COMPARISON OF NMR SOLUTION STRUCTURES OF THE RECEPTOR BINDING DOMAINS OF PSEUDOMONAS AERUGINOSA PILI STRAINS PAO, KB7, AND PAK: IMPLICATIONS FOR RECEPTOR BINDING AND SYNTHETIC VACCINE DESIGN
;
_struct.pdbx_model_details        ? 
_struct.pdbx_CASP_flag            ? 
_struct.pdbx_model_type_details   ? 
# 
_struct_keywords.entry_id        1NIL 
_struct_keywords.pdbx_keywords   'FIMBRIAL PROTEIN' 
_struct_keywords.text            'FIMBRIAL PROTEIN' 
# 
_struct_asym.id                            A 
_struct_asym.pdbx_blank_PDB_chainid_flag   Y 
_struct_asym.pdbx_modified                 N 
_struct_asym.entity_id                     1 
_struct_asym.details                       ? 
# 
_struct_ref.id                         1 
_struct_ref.db_name                    UNP 
_struct_ref.db_code                    FMPA_PSEAE 
_struct_ref.entity_id                  1 
_struct_ref.pdbx_db_accession          P02973 
_struct_ref.pdbx_align_begin           1 
_struct_ref.pdbx_seq_one_letter_code   
;MKAQKGFTLIELMIVVAIIGILAAIAIPQYQNYVARSEGASALASVNPLKTTVEEALSRGWSVKSGTGTEDATKKEVPLG
VAADANKLGTIALKPDPADGTADITLTFTMGGAGPKNKGKIITLTRTAADGLWKCTSDQDEQFIPKGCSK
;
_struct_ref.pdbx_db_isoform            ? 
# 
_struct_ref_seq.align_id                      1 
_struct_ref_seq.ref_id                        1 
_struct_ref_seq.pdbx_PDB_id_code              1NIL 
_struct_ref_seq.pdbx_strand_id                A 
_struct_ref_seq.seq_align_beg                 2 
_struct_ref_seq.pdbx_seq_align_beg_ins_code   ? 
_struct_ref_seq.seq_align_end                 18 
_struct_ref_seq.pdbx_seq_align_end_ins_code   ? 
_struct_ref_seq.pdbx_db_accession             P02973 
_struct_ref_seq.db_align_beg                  134 
_struct_ref_seq.pdbx_db_align_beg_ins_code    ? 
_struct_ref_seq.db_align_end                  150 
_struct_ref_seq.pdbx_db_align_end_ins_code    ? 
_struct_ref_seq.pdbx_auth_seq_align_beg       128 
_struct_ref_seq.pdbx_auth_seq_align_end       144 
# 
_pdbx_struct_assembly.id                   1 
_pdbx_struct_assembly.details              author_defined_assembly 
_pdbx_struct_assembly.method_details       ? 
_pdbx_struct_assembly.oligomeric_details   monomeric 
_pdbx_struct_assembly.oligomeric_count     1 
# 
_pdbx_struct_assembly_gen.assembly_id       1 
_pdbx_struct_assembly_gen.oper_expression   1 
_pdbx_struct_assembly_gen.asym_id_list      A 
# 
_pdbx_struct_oper_list.id                   1 
_pdbx_struct_oper_list.type                 'identity operation' 
_pdbx_struct_oper_list.name                 1_555 
_pdbx_struct_oper_list.symmetry_operation   ? 
_pdbx_struct_oper_list.matrix[1][1]         1.0000000000 
_pdbx_struct_oper_list.matrix[1][2]         0.0000000000 
_pdbx_struct_oper_list.matrix[1][3]         0.0000000000 
_pdbx_struct_oper_list.vector[1]            0.0000000000 
_pdbx_struct_oper_list.matrix[2][1]         0.0000000000 
_pdbx_struct_oper_list.matrix[2][2]         1.0000000000 
_pdbx_struct_oper_list.matrix[2][3]         0.0000000000 
_pdbx_struct_oper_list.vector[2]            0.0000000000 
_pdbx_struct_oper_list.matrix[3][1]         0.0000000000 
_pdbx_struct_oper_list.matrix[3][2]         0.0000000000 
_pdbx_struct_oper_list.matrix[3][3]         1.0000000000 
_pdbx_struct_oper_list.vector[3]            0.0000000000 
# 
_struct_biol.id   1 
# 
loop_
_struct_conn.id 
_struct_conn.conn_type_id 
_struct_conn.pdbx_leaving_atom_flag 
_struct_conn.pdbx_PDB_id 
_struct_conn.ptnr1_label_asym_id 
_struct_conn.ptnr1_label_comp_id 
_struct_conn.ptnr1_label_seq_id 
_struct_conn.ptnr1_label_atom_id 
_struct_conn.pdbx_ptnr1_label_alt_id 
_struct_conn.pdbx_ptnr1_PDB_ins_code 
_struct_conn.pdbx_ptnr1_standard_comp_id 
_struct_conn.ptnr1_symmetry 
_struct_conn.ptnr2_label_asym_id 
_struct_conn.ptnr2_label_comp_id 
_struct_conn.ptnr2_label_seq_id 
_struct_conn.ptnr2_label_atom_id 
_struct_conn.pdbx_ptnr2_label_alt_id 
_struct_conn.pdbx_ptnr2_PDB_ins_code 
_struct_conn.ptnr1_auth_asym_id 
_struct_conn.ptnr1_auth_comp_id 
_struct_conn.ptnr1_auth_seq_id 
_struct_conn.ptnr2_auth_asym_id 
_struct_conn.ptnr2_auth_comp_id 
_struct_conn.ptnr2_auth_seq_id 
_struct_conn.ptnr2_symmetry 
_struct_conn.pdbx_ptnr3_label_atom_id 
_struct_conn.pdbx_ptnr3_label_seq_id 
_struct_conn.pdbx_ptnr3_label_comp_id 
_struct_conn.pdbx_ptnr3_label_asym_id 
_struct_conn.pdbx_ptnr3_label_alt_id 
_struct_conn.pdbx_ptnr3_PDB_ins_code 
_struct_conn.details 
_struct_conn.pdbx_dist_value 
_struct_conn.pdbx_value_order 
_struct_conn.pdbx_role 
disulf1 disulf ?    ? A CYS 3 SG ? ? ? 1_555 A CYS 16 SG ? ? A CYS 129 A CYS 142 1_555 ? ? ? ? ? ? ? 1.242 ? ? 
covale1 covale both ? A ACE 1 C  ? ? ? 1_555 A LYS 2  N  ? ? A ACE 127 A LYS 128 1_555 ? ? ? ? ? ? ? 1.032 ? ? 
# 
loop_
_struct_conn_type.id 
_struct_conn_type.criteria 
_struct_conn_type.reference 
disulf ? ? 
covale ? ? 
# 
loop_
_pdbx_modification_feature.ordinal 
_pdbx_modification_feature.label_comp_id 
_pdbx_modification_feature.label_asym_id 
_pdbx_modification_feature.label_seq_id 
_pdbx_modification_feature.label_alt_id 
_pdbx_modification_feature.modified_residue_label_comp_id 
_pdbx_modification_feature.modified_residue_label_asym_id 
_pdbx_modification_feature.modified_residue_label_seq_id 
_pdbx_modification_feature.modified_residue_label_alt_id 
_pdbx_modification_feature.auth_comp_id 
_pdbx_modification_feature.auth_asym_id 
_pdbx_modification_feature.auth_seq_id 
_pdbx_modification_feature.PDB_ins_code 
_pdbx_modification_feature.symmetry 
_pdbx_modification_feature.modified_residue_auth_comp_id 
_pdbx_modification_feature.modified_residue_auth_asym_id 
_pdbx_modification_feature.modified_residue_auth_seq_id 
_pdbx_modification_feature.modified_residue_PDB_ins_code 
_pdbx_modification_feature.modified_residue_symmetry 
_pdbx_modification_feature.comp_id_linking_atom 
_pdbx_modification_feature.modified_residue_id_linking_atom 
_pdbx_modification_feature.modified_residue_id 
_pdbx_modification_feature.ref_pcm_id 
_pdbx_modification_feature.ref_comp_id 
_pdbx_modification_feature.type 
_pdbx_modification_feature.category 
1 ACE A 1 ? LYS A 2  ? ACE A 127 ? 1_555 LYS A 128 ? 1_555 .  .  LYS 20 ACE None 'Terminal acetylation' 
2 CYS A 3 ? CYS A 16 ? CYS A 129 ? 1_555 CYS A 142 ? 1_555 SG SG .   .  .   None 'Disulfide bridge'     
# 
_pdbx_entry_details.entry_id                   1NIL 
_pdbx_entry_details.compound_details           ? 
_pdbx_entry_details.source_details             ? 
_pdbx_entry_details.nonpolymer_details         ? 
_pdbx_entry_details.sequence_details           ? 
_pdbx_entry_details.has_ligand_of_interest     ? 
_pdbx_entry_details.has_protein_modification   Y 
# 
loop_
_pdbx_validate_close_contact.id 
_pdbx_validate_close_contact.PDB_model_num 
_pdbx_validate_close_contact.auth_atom_id_1 
_pdbx_validate_close_contact.auth_asym_id_1 
_pdbx_validate_close_contact.auth_comp_id_1 
_pdbx_validate_close_contact.auth_seq_id_1 
_pdbx_validate_close_contact.PDB_ins_code_1 
_pdbx_validate_close_contact.label_alt_id_1 
_pdbx_validate_close_contact.auth_atom_id_2 
_pdbx_validate_close_contact.auth_asym_id_2 
_pdbx_validate_close_contact.auth_comp_id_2 
_pdbx_validate_close_contact.auth_seq_id_2 
_pdbx_validate_close_contact.PDB_ins_code_2 
_pdbx_validate_close_contact.label_alt_id_2 
_pdbx_validate_close_contact.dist 
1 1 C A SER 131 ? ? H A ASP 132 ? ? 1.48 
2 1 C A ACE 127 ? ? H A LYS 128 ? ? 1.50 
3 1 C A LYS 128 ? ? H A CYS 129 ? ? 1.59 
4 1 O A SER 131 ? ? N A ASP 132 ? ? 1.67 
5 1 O A ACE 127 ? ? N A LYS 128 ? ? 1.70 
# 
loop_
_pdbx_validate_rmsd_bond.id 
_pdbx_validate_rmsd_bond.PDB_model_num 
_pdbx_validate_rmsd_bond.auth_atom_id_1 
_pdbx_validate_rmsd_bond.auth_asym_id_1 
_pdbx_validate_rmsd_bond.auth_comp_id_1 
_pdbx_validate_rmsd_bond.auth_seq_id_1 
_pdbx_validate_rmsd_bond.PDB_ins_code_1 
_pdbx_validate_rmsd_bond.label_alt_id_1 
_pdbx_validate_rmsd_bond.auth_atom_id_2 
_pdbx_validate_rmsd_bond.auth_asym_id_2 
_pdbx_validate_rmsd_bond.auth_comp_id_2 
_pdbx_validate_rmsd_bond.auth_seq_id_2 
_pdbx_validate_rmsd_bond.PDB_ins_code_2 
_pdbx_validate_rmsd_bond.label_alt_id_2 
_pdbx_validate_rmsd_bond.bond_value 
_pdbx_validate_rmsd_bond.bond_target_value 
_pdbx_validate_rmsd_bond.bond_deviation 
_pdbx_validate_rmsd_bond.bond_standard_deviation 
_pdbx_validate_rmsd_bond.linker_flag 
1  1 C   A ACE 127 ? ? N   A LYS 128 ? ? 1.032 1.336 -0.304 0.023 Y 
2  1 N   A LYS 128 ? ? CA  A LYS 128 ? ? 1.112 1.459 -0.347 0.020 N 
3  1 CA  A LYS 128 ? ? CB  A LYS 128 ? ? 1.279 1.535 -0.256 0.022 N 
4  1 CB  A LYS 128 ? ? CG  A LYS 128 ? ? 1.030 1.521 -0.491 0.027 N 
5  1 CG  A LYS 128 ? ? CD  A LYS 128 ? ? 1.160 1.520 -0.360 0.034 N 
6  1 CD  A LYS 128 ? ? CE  A LYS 128 ? ? 1.020 1.508 -0.488 0.025 N 
7  1 CE  A LYS 128 ? ? NZ  A LYS 128 ? ? 1.030 1.486 -0.456 0.025 N 
8  1 CA  A LYS 128 ? ? C   A LYS 128 ? ? 1.259 1.525 -0.266 0.026 N 
9  1 C   A LYS 128 ? ? O   A LYS 128 ? ? 0.982 1.229 -0.247 0.019 N 
10 1 C   A LYS 128 ? ? N   A CYS 129 ? ? 1.078 1.336 -0.258 0.023 Y 
11 1 N   A CYS 129 ? ? CA  A CYS 129 ? ? 1.220 1.459 -0.239 0.020 N 
12 1 CA  A CYS 129 ? ? CB  A CYS 129 ? ? 1.353 1.526 -0.173 0.013 N 
13 1 CB  A CYS 129 ? ? SG  A CYS 129 ? ? 1.619 1.812 -0.193 0.016 N 
14 1 C   A CYS 129 ? ? O   A CYS 129 ? ? 1.075 1.229 -0.154 0.019 N 
15 1 C   A CYS 129 ? ? N   A THR 130 ? ? 1.174 1.336 -0.162 0.023 Y 
16 1 CA  A THR 130 ? ? CB  A THR 130 ? ? 1.310 1.529 -0.219 0.026 N 
17 1 CB  A THR 130 ? ? OG1 A THR 130 ? ? 0.790 1.428 -0.638 0.020 N 
18 1 CB  A THR 130 ? ? CG2 A THR 130 ? ? 0.924 1.519 -0.595 0.033 N 
19 1 CA  A THR 130 ? ? C   A THR 130 ? ? 1.348 1.525 -0.177 0.026 N 
20 1 C   A THR 130 ? ? O   A THR 130 ? ? 1.045 1.229 -0.184 0.019 N 
21 1 N   A SER 131 ? ? CA  A SER 131 ? ? 1.300 1.459 -0.159 0.020 N 
22 1 CA  A SER 131 ? ? CB  A SER 131 ? ? 1.163 1.525 -0.362 0.015 N 
23 1 CB  A SER 131 ? ? OG  A SER 131 ? ? 0.248 1.418 -1.170 0.013 N 
24 1 C   A SER 131 ? ? O   A SER 131 ? ? 0.970 1.229 -0.259 0.019 N 
25 1 C   A SER 131 ? ? N   A ASP 132 ? ? 1.040 1.336 -0.296 0.023 Y 
26 1 N   A ASP 132 ? ? CA  A ASP 132 ? ? 1.326 1.459 -0.133 0.020 N 
27 1 CA  A ASP 132 ? ? CB  A ASP 132 ? ? 1.335 1.535 -0.200 0.022 N 
28 1 CB  A ASP 132 ? ? CG  A ASP 132 ? ? 0.851 1.513 -0.662 0.021 N 
29 1 CG  A ASP 132 ? ? OD1 A ASP 132 ? ? 0.329 1.249 -0.920 0.023 N 
30 1 CG  A ASP 132 ? ? OD2 A ASP 132 ? ? 0.389 1.249 -0.860 0.023 N 
31 1 CA  A ASP 132 ? ? C   A ASP 132 ? ? 1.312 1.525 -0.213 0.026 N 
32 1 C   A ASP 132 ? ? O   A ASP 132 ? ? 0.943 1.229 -0.286 0.019 N 
33 1 N   A GLN 133 ? ? CA  A GLN 133 ? ? 1.274 1.459 -0.185 0.020 N 
34 1 CA  A GLN 133 ? ? CB  A GLN 133 ? ? 1.066 1.535 -0.469 0.022 N 
35 1 CB  A GLN 133 ? ? CG  A GLN 133 ? ? 1.077 1.521 -0.444 0.027 N 
36 1 CG  A GLN 133 ? ? CD  A GLN 133 ? ? 0.982 1.506 -0.524 0.023 N 
37 1 CD  A GLN 133 ? ? OE1 A GLN 133 ? ? 0.421 1.235 -0.814 0.022 N 
38 1 CD  A GLN 133 ? ? NE2 A GLN 133 ? ? 0.397 1.324 -0.927 0.025 N 
39 1 CB  A ASP 134 ? ? CG  A ASP 134 ? ? 1.321 1.513 -0.192 0.021 N 
40 1 CG  A ASP 134 ? ? OD1 A ASP 134 ? ? 0.544 1.249 -0.705 0.023 N 
41 1 CG  A ASP 134 ? ? OD2 A ASP 134 ? ? 0.574 1.249 -0.675 0.023 N 
42 1 CG  A GLU 135 ? ? CD  A GLU 135 ? ? 1.377 1.515 -0.138 0.015 N 
43 1 CD  A GLU 135 ? ? OE1 A GLU 135 ? ? 0.750 1.252 -0.502 0.011 N 
44 1 CD  A GLU 135 ? ? OE2 A GLU 135 ? ? 0.777 1.252 -0.475 0.011 N 
45 1 CB  A GLN 136 ? ? CG  A GLN 136 ? ? 0.955 1.521 -0.566 0.027 N 
46 1 CG  A GLN 136 ? ? CD  A GLN 136 ? ? 1.248 1.506 -0.258 0.023 N 
47 1 CD  A GLN 136 ? ? OE1 A GLN 136 ? ? 0.618 1.235 -0.617 0.022 N 
48 1 CD  A GLN 136 ? ? NE2 A GLN 136 ? ? 0.623 1.324 -0.701 0.025 N 
49 1 CG  A PHE 137 ? ? CD2 A PHE 137 ? ? 0.721 1.383 -0.662 0.015 N 
50 1 CG  A PHE 137 ? ? CD1 A PHE 137 ? ? 0.680 1.383 -0.703 0.015 N 
51 1 CE1 A PHE 137 ? ? CZ  A PHE 137 ? ? 0.708 1.369 -0.661 0.019 N 
52 1 CZ  A PHE 137 ? ? CE2 A PHE 137 ? ? 0.667 1.369 -0.702 0.019 N 
53 1 CB  A LYS 140 ? ? CG  A LYS 140 ? ? 1.087 1.521 -0.434 0.027 N 
54 1 CD  A LYS 140 ? ? CE  A LYS 140 ? ? 1.198 1.508 -0.310 0.025 N 
55 1 CE  A LYS 140 ? ? NZ  A LYS 140 ? ? 0.769 1.486 -0.717 0.025 N 
56 1 CA  A CYS 142 ? ? CB  A CYS 142 ? ? 1.419 1.526 -0.107 0.013 N 
57 1 CB  A CYS 142 ? ? SG  A CYS 142 ? ? 1.666 1.812 -0.146 0.016 N 
58 1 C   A CYS 142 ? ? N   A SER 143 ? ? 1.166 1.336 -0.170 0.023 Y 
59 1 CA  A SER 143 ? ? CB  A SER 143 ? ? 1.322 1.525 -0.203 0.015 N 
60 1 CB  A SER 143 ? ? OG  A SER 143 ? ? 0.524 1.418 -0.894 0.013 N 
61 1 CA  A SER 143 ? ? C   A SER 143 ? ? 1.308 1.525 -0.217 0.026 N 
62 1 C   A SER 143 ? ? O   A SER 143 ? ? 1.000 1.229 -0.229 0.019 N 
63 1 C   A SER 143 ? ? N   A LYS 144 ? ? 1.097 1.336 -0.239 0.023 Y 
64 1 N   A LYS 144 ? ? CA  A LYS 144 ? ? 1.247 1.459 -0.212 0.020 N 
65 1 CA  A LYS 144 ? ? CB  A LYS 144 ? ? 1.129 1.535 -0.406 0.022 N 
66 1 CB  A LYS 144 ? ? CG  A LYS 144 ? ? 1.005 1.521 -0.516 0.027 N 
67 1 CG  A LYS 144 ? ? CD  A LYS 144 ? ? 0.821 1.520 -0.699 0.034 N 
68 1 CD  A LYS 144 ? ? CE  A LYS 144 ? ? 1.030 1.508 -0.478 0.025 N 
69 1 CE  A LYS 144 ? ? NZ  A LYS 144 ? ? 0.665 1.486 -0.821 0.025 N 
70 1 CA  A LYS 144 ? ? C   A LYS 144 ? ? 1.133 1.525 -0.392 0.026 N 
71 1 C   A LYS 144 ? ? O   A LYS 144 ? ? 0.539 1.229 -0.690 0.019 N 
72 1 C   A LYS 144 ? ? OXT A LYS 144 ? ? 0.545 1.229 -0.684 0.019 N 
# 
loop_
_pdbx_validate_rmsd_angle.id 
_pdbx_validate_rmsd_angle.PDB_model_num 
_pdbx_validate_rmsd_angle.auth_atom_id_1 
_pdbx_validate_rmsd_angle.auth_asym_id_1 
_pdbx_validate_rmsd_angle.auth_comp_id_1 
_pdbx_validate_rmsd_angle.auth_seq_id_1 
_pdbx_validate_rmsd_angle.PDB_ins_code_1 
_pdbx_validate_rmsd_angle.label_alt_id_1 
_pdbx_validate_rmsd_angle.auth_atom_id_2 
_pdbx_validate_rmsd_angle.auth_asym_id_2 
_pdbx_validate_rmsd_angle.auth_comp_id_2 
_pdbx_validate_rmsd_angle.auth_seq_id_2 
_pdbx_validate_rmsd_angle.PDB_ins_code_2 
_pdbx_validate_rmsd_angle.label_alt_id_2 
_pdbx_validate_rmsd_angle.auth_atom_id_3 
_pdbx_validate_rmsd_angle.auth_asym_id_3 
_pdbx_validate_rmsd_angle.auth_comp_id_3 
_pdbx_validate_rmsd_angle.auth_seq_id_3 
_pdbx_validate_rmsd_angle.PDB_ins_code_3 
_pdbx_validate_rmsd_angle.label_alt_id_3 
_pdbx_validate_rmsd_angle.angle_value 
_pdbx_validate_rmsd_angle.angle_target_value 
_pdbx_validate_rmsd_angle.angle_deviation 
_pdbx_validate_rmsd_angle.angle_standard_deviation 
_pdbx_validate_rmsd_angle.linker_flag 
1  1 CA  A LYS 128 ? ? CB  A LYS 128 ? ? CG  A LYS 128 ? ? 142.00 113.40 28.60   2.20 N 
2  1 CB  A LYS 128 ? ? CG  A LYS 128 ? ? CD  A LYS 128 ? ? 146.62 111.60 35.02   2.60 N 
3  1 CG  A LYS 128 ? ? CD  A LYS 128 ? ? CE  A LYS 128 ? ? 153.53 111.90 41.63   3.00 N 
4  1 CD  A LYS 128 ? ? CE  A LYS 128 ? ? NZ  A LYS 128 ? ? 163.98 111.70 52.28   2.30 N 
5  1 CB  A CYS 129 ? ? CA  A CYS 129 ? ? C   A CYS 129 ? ? 119.13 111.50 7.63    1.20 N 
6  1 OG1 A THR 130 ? ? CB  A THR 130 ? ? CG2 A THR 130 ? ? 92.05  110.00 -17.95  2.30 N 
7  1 CA  A THR 130 ? ? CB  A THR 130 ? ? CG2 A THR 130 ? ? 123.91 112.40 11.51   1.40 N 
8  1 CA  A SER 131 ? ? CB  A SER 131 ? ? OG  A SER 131 ? ? 157.09 111.20 45.89   2.70 N 
9  1 O   A SER 131 ? ? C   A SER 131 ? ? N   A ASP 132 ? ? 112.61 122.70 -10.09  1.60 Y 
10 1 CA  A ASP 132 ? ? CB  A ASP 132 ? ? CG  A ASP 132 ? ? 143.60 113.40 30.20   2.20 N 
11 1 OD1 A ASP 132 ? ? CG  A ASP 132 ? ? OD2 A ASP 132 ? ? 39.23  123.30 -84.07  1.90 N 
12 1 CB  A ASP 132 ? ? CG  A ASP 132 ? ? OD1 A ASP 132 ? ? 160.95 118.30 42.65   0.90 N 
13 1 CB  A ASP 132 ? ? CG  A ASP 132 ? ? OD2 A ASP 132 ? ? 159.81 118.30 41.51   0.90 N 
14 1 OE1 A GLN 133 ? ? CD  A GLN 133 ? ? NE2 A GLN 133 ? ? 19.46  121.90 -102.44 2.30 N 
15 1 CG  A GLN 133 ? ? CD  A GLN 133 ? ? OE1 A GLN 133 ? ? 171.29 121.60 49.69   2.00 N 
16 1 CG  A GLN 133 ? ? CD  A GLN 133 ? ? NE2 A GLN 133 ? ? 169.25 116.70 52.55   2.40 N 
17 1 OD1 A ASP 134 ? ? CG  A ASP 134 ? ? OD2 A ASP 134 ? ? 41.62  123.30 -81.68  1.90 N 
18 1 CB  A ASP 134 ? ? CG  A ASP 134 ? ? OD1 A ASP 134 ? ? 160.97 118.30 42.67   0.90 N 
19 1 CB  A ASP 134 ? ? CG  A ASP 134 ? ? OD2 A ASP 134 ? ? 157.42 118.30 39.12   0.90 N 
20 1 OE1 A GLU 135 ? ? CD  A GLU 135 ? ? OE2 A GLU 135 ? ? 89.02  123.30 -34.28  1.20 N 
21 1 CG  A GLU 135 ? ? CD  A GLU 135 ? ? OE1 A GLU 135 ? ? 140.45 118.30 22.15   2.00 N 
22 1 CG  A GLU 135 ? ? CD  A GLU 135 ? ? OE2 A GLU 135 ? ? 130.53 118.30 12.23   2.00 N 
23 1 CA  A GLN 136 ? ? CB  A GLN 136 ? ? CG  A GLN 136 ? ? 141.90 113.40 28.50   2.20 N 
24 1 CB  A GLN 136 ? ? CG  A GLN 136 ? ? CD  A GLN 136 ? ? 144.91 111.60 33.31   2.60 N 
25 1 OE1 A GLN 136 ? ? CD  A GLN 136 ? ? NE2 A GLN 136 ? ? 68.07  121.90 -53.83  2.30 N 
26 1 CG  A GLN 136 ? ? CD  A GLN 136 ? ? OE1 A GLN 136 ? ? 147.83 121.60 26.23   2.00 N 
27 1 CG  A GLN 136 ? ? CD  A GLN 136 ? ? NE2 A GLN 136 ? ? 144.10 116.70 27.40   2.40 N 
28 1 CB  A PHE 137 ? ? CG  A PHE 137 ? ? CD2 A PHE 137 ? ? 173.18 120.80 52.38   0.70 N 
29 1 CD1 A PHE 137 ? ? CG  A PHE 137 ? ? CD2 A PHE 137 ? ? 8.76   118.30 -109.54 1.30 N 
30 1 CB  A PHE 137 ? ? CG  A PHE 137 ? ? CD1 A PHE 137 ? ? 174.48 120.80 53.68   0.70 N 
31 1 CG  A PHE 137 ? ? CD1 A PHE 137 ? ? CE1 A PHE 137 ? ? 175.28 120.80 54.48   1.10 N 
32 1 CG  A PHE 137 ? ? CD2 A PHE 137 ? ? CE2 A PHE 137 ? ? 175.95 120.80 55.15   1.10 N 
33 1 CD1 A PHE 137 ? ? CE1 A PHE 137 ? ? CZ  A PHE 137 ? ? 175.69 120.10 55.59   1.20 N 
34 1 CE1 A PHE 137 ? ? CZ  A PHE 137 ? ? CE2 A PHE 137 ? ? 8.92   120.00 -111.08 1.80 N 
35 1 CZ  A PHE 137 ? ? CE2 A PHE 137 ? ? CD2 A PHE 137 ? ? 175.39 120.10 55.29   1.20 N 
36 1 CB  A LYS 140 ? ? CG  A LYS 140 ? ? CD  A LYS 140 ? ? 127.28 111.60 15.68   2.60 N 
37 1 CD  A LYS 140 ? ? CE  A LYS 140 ? ? NZ  A LYS 140 ? ? 131.52 111.70 19.82   2.30 N 
38 1 CA  A SER 143 ? ? CB  A SER 143 ? ? OG  A SER 143 ? ? 164.10 111.20 52.90   2.70 N 
39 1 CA  A LYS 144 ? ? CB  A LYS 144 ? ? CG  A LYS 144 ? ? 149.96 113.40 36.56   2.20 N 
40 1 CB  A LYS 144 ? ? CG  A LYS 144 ? ? CD  A LYS 144 ? ? 146.02 111.60 34.42   2.60 N 
41 1 CG  A LYS 144 ? ? CD  A LYS 144 ? ? CE  A LYS 144 ? ? 146.43 111.90 34.53   3.00 N 
42 1 CD  A LYS 144 ? ? CE  A LYS 144 ? ? NZ  A LYS 144 ? ? 138.16 111.70 26.46   2.30 N 
43 1 CA  A LYS 144 ? ? C   A LYS 144 ? ? O   A LYS 144 ? ? 150.22 120.10 30.12   2.10 N 
# 
loop_
_pdbx_validate_torsion.id 
_pdbx_validate_torsion.PDB_model_num 
_pdbx_validate_torsion.auth_comp_id 
_pdbx_validate_torsion.auth_asym_id 
_pdbx_validate_torsion.auth_seq_id 
_pdbx_validate_torsion.PDB_ins_code 
_pdbx_validate_torsion.label_alt_id 
_pdbx_validate_torsion.phi 
_pdbx_validate_torsion.psi 
1 1 SER A 131 ? ? -83.31  -76.22 
2 1 ASP A 132 ? ? -103.61 -72.12 
3 1 GLN A 133 ? ? -153.08 85.78  
# 
_pdbx_validate_chiral.id              1 
_pdbx_validate_chiral.PDB_model_num   1 
_pdbx_validate_chiral.auth_atom_id    CB 
_pdbx_validate_chiral.label_alt_id    ? 
_pdbx_validate_chiral.auth_asym_id    A 
_pdbx_validate_chiral.auth_comp_id    THR 
_pdbx_validate_chiral.auth_seq_id     130 
_pdbx_validate_chiral.PDB_ins_code    ? 
_pdbx_validate_chiral.details         PLANAR 
_pdbx_validate_chiral.omega           . 
# 
loop_
_pdbx_validate_polymer_linkage.id 
_pdbx_validate_polymer_linkage.PDB_model_num 
_pdbx_validate_polymer_linkage.auth_atom_id_1 
_pdbx_validate_polymer_linkage.auth_asym_id_1 
_pdbx_validate_polymer_linkage.auth_comp_id_1 
_pdbx_validate_polymer_linkage.auth_seq_id_1 
_pdbx_validate_polymer_linkage.PDB_ins_code_1 
_pdbx_validate_polymer_linkage.label_alt_id_1 
_pdbx_validate_polymer_linkage.auth_atom_id_2 
_pdbx_validate_polymer_linkage.auth_asym_id_2 
_pdbx_validate_polymer_linkage.auth_comp_id_2 
_pdbx_validate_polymer_linkage.auth_seq_id_2 
_pdbx_validate_polymer_linkage.PDB_ins_code_2 
_pdbx_validate_polymer_linkage.label_alt_id_2 
_pdbx_validate_polymer_linkage.dist 
1 1 C A ACE 127 ? ? N A LYS 128 ? ? 1.03 
2 1 C A LYS 128 ? ? N A CYS 129 ? ? 1.08 
3 1 C A CYS 129 ? ? N A THR 130 ? ? 1.17 
4 1 C A SER 131 ? ? N A ASP 132 ? ? 1.04 
5 1 C A CYS 142 ? ? N A SER 143 ? ? 1.17 
6 1 C A SER 143 ? ? N A LYS 144 ? ? 1.10 
# 
_pdbx_nmr_ensemble.entry_id                             1NIL 
_pdbx_nmr_ensemble.conformers_calculated_total_number   ? 
_pdbx_nmr_ensemble.conformers_submitted_total_number    1 
_pdbx_nmr_ensemble.conformer_selection_criteria         ? 
# 
_pdbx_nmr_software.classification   refinement 
_pdbx_nmr_software.name             'PEPFLEX II' 
_pdbx_nmr_software.version          ? 
_pdbx_nmr_software.authors          ? 
_pdbx_nmr_software.ordinal          1 
# 
loop_
_chem_comp_atom.comp_id 
_chem_comp_atom.atom_id 
_chem_comp_atom.type_symbol 
_chem_comp_atom.pdbx_aromatic_flag 
_chem_comp_atom.pdbx_stereo_config 
_chem_comp_atom.pdbx_ordinal 
ACE C    C N N 1   
ACE O    O N N 2   
ACE CH3  C N N 3   
ACE H    H N N 4   
ACE H1   H N N 5   
ACE H2   H N N 6   
ACE H3   H N N 7   
ASP N    N N N 8   
ASP CA   C N S 9   
ASP C    C N N 10  
ASP O    O N N 11  
ASP CB   C N N 12  
ASP CG   C N N 13  
ASP OD1  O N N 14  
ASP OD2  O N N 15  
ASP OXT  O N N 16  
ASP H    H N N 17  
ASP H2   H N N 18  
ASP HA   H N N 19  
ASP HB2  H N N 20  
ASP HB3  H N N 21  
ASP HD2  H N N 22  
ASP HXT  H N N 23  
CYS N    N N N 24  
CYS CA   C N R 25  
CYS C    C N N 26  
CYS O    O N N 27  
CYS CB   C N N 28  
CYS SG   S N N 29  
CYS OXT  O N N 30  
CYS H    H N N 31  
CYS H2   H N N 32  
CYS HA   H N N 33  
CYS HB2  H N N 34  
CYS HB3  H N N 35  
CYS HG   H N N 36  
CYS HXT  H N N 37  
GLN N    N N N 38  
GLN CA   C N S 39  
GLN C    C N N 40  
GLN O    O N N 41  
GLN CB   C N N 42  
GLN CG   C N N 43  
GLN CD   C N N 44  
GLN OE1  O N N 45  
GLN NE2  N N N 46  
GLN OXT  O N N 47  
GLN H    H N N 48  
GLN H2   H N N 49  
GLN HA   H N N 50  
GLN HB2  H N N 51  
GLN HB3  H N N 52  
GLN HG2  H N N 53  
GLN HG3  H N N 54  
GLN HE21 H N N 55  
GLN HE22 H N N 56  
GLN HXT  H N N 57  
GLU N    N N N 58  
GLU CA   C N S 59  
GLU C    C N N 60  
GLU O    O N N 61  
GLU CB   C N N 62  
GLU CG   C N N 63  
GLU CD   C N N 64  
GLU OE1  O N N 65  
GLU OE2  O N N 66  
GLU OXT  O N N 67  
GLU H    H N N 68  
GLU H2   H N N 69  
GLU HA   H N N 70  
GLU HB2  H N N 71  
GLU HB3  H N N 72  
GLU HG2  H N N 73  
GLU HG3  H N N 74  
GLU HE2  H N N 75  
GLU HXT  H N N 76  
GLY N    N N N 77  
GLY CA   C N N 78  
GLY C    C N N 79  
GLY O    O N N 80  
GLY OXT  O N N 81  
GLY H    H N N 82  
GLY H2   H N N 83  
GLY HA2  H N N 84  
GLY HA3  H N N 85  
GLY HXT  H N N 86  
ILE N    N N N 87  
ILE CA   C N S 88  
ILE C    C N N 89  
ILE O    O N N 90  
ILE CB   C N S 91  
ILE CG1  C N N 92  
ILE CG2  C N N 93  
ILE CD1  C N N 94  
ILE OXT  O N N 95  
ILE H    H N N 96  
ILE H2   H N N 97  
ILE HA   H N N 98  
ILE HB   H N N 99  
ILE HG12 H N N 100 
ILE HG13 H N N 101 
ILE HG21 H N N 102 
ILE HG22 H N N 103 
ILE HG23 H N N 104 
ILE HD11 H N N 105 
ILE HD12 H N N 106 
ILE HD13 H N N 107 
ILE HXT  H N N 108 
LYS N    N N N 109 
LYS CA   C N S 110 
LYS C    C N N 111 
LYS O    O N N 112 
LYS CB   C N N 113 
LYS CG   C N N 114 
LYS CD   C N N 115 
LYS CE   C N N 116 
LYS NZ   N N N 117 
LYS OXT  O N N 118 
LYS H    H N N 119 
LYS H2   H N N 120 
LYS HA   H N N 121 
LYS HB2  H N N 122 
LYS HB3  H N N 123 
LYS HG2  H N N 124 
LYS HG3  H N N 125 
LYS HD2  H N N 126 
LYS HD3  H N N 127 
LYS HE2  H N N 128 
LYS HE3  H N N 129 
LYS HZ1  H N N 130 
LYS HZ2  H N N 131 
LYS HZ3  H N N 132 
LYS HXT  H N N 133 
PHE N    N N N 134 
PHE CA   C N S 135 
PHE C    C N N 136 
PHE O    O N N 137 
PHE CB   C N N 138 
PHE CG   C Y N 139 
PHE CD1  C Y N 140 
PHE CD2  C Y N 141 
PHE CE1  C Y N 142 
PHE CE2  C Y N 143 
PHE CZ   C Y N 144 
PHE OXT  O N N 145 
PHE H    H N N 146 
PHE H2   H N N 147 
PHE HA   H N N 148 
PHE HB2  H N N 149 
PHE HB3  H N N 150 
PHE HD1  H N N 151 
PHE HD2  H N N 152 
PHE HE1  H N N 153 
PHE HE2  H N N 154 
PHE HZ   H N N 155 
PHE HXT  H N N 156 
PRO N    N N N 157 
PRO CA   C N S 158 
PRO C    C N N 159 
PRO O    O N N 160 
PRO CB   C N N 161 
PRO CG   C N N 162 
PRO CD   C N N 163 
PRO OXT  O N N 164 
PRO H    H N N 165 
PRO HA   H N N 166 
PRO HB2  H N N 167 
PRO HB3  H N N 168 
PRO HG2  H N N 169 
PRO HG3  H N N 170 
PRO HD2  H N N 171 
PRO HD3  H N N 172 
PRO HXT  H N N 173 
SER N    N N N 174 
SER CA   C N S 175 
SER C    C N N 176 
SER O    O N N 177 
SER CB   C N N 178 
SER OG   O N N 179 
SER OXT  O N N 180 
SER H    H N N 181 
SER H2   H N N 182 
SER HA   H N N 183 
SER HB2  H N N 184 
SER HB3  H N N 185 
SER HG   H N N 186 
SER HXT  H N N 187 
THR N    N N N 188 
THR CA   C N S 189 
THR C    C N N 190 
THR O    O N N 191 
THR CB   C N R 192 
THR OG1  O N N 193 
THR CG2  C N N 194 
THR OXT  O N N 195 
THR H    H N N 196 
THR H2   H N N 197 
THR HA   H N N 198 
THR HB   H N N 199 
THR HG1  H N N 200 
THR HG21 H N N 201 
THR HG22 H N N 202 
THR HG23 H N N 203 
THR HXT  H N N 204 
# 
loop_
_chem_comp_bond.comp_id 
_chem_comp_bond.atom_id_1 
_chem_comp_bond.atom_id_2 
_chem_comp_bond.value_order 
_chem_comp_bond.pdbx_aromatic_flag 
_chem_comp_bond.pdbx_stereo_config 
_chem_comp_bond.pdbx_ordinal 
ACE C   O    doub N N 1   
ACE C   CH3  sing N N 2   
ACE C   H    sing N N 3   
ACE CH3 H1   sing N N 4   
ACE CH3 H2   sing N N 5   
ACE CH3 H3   sing N N 6   
ASP N   CA   sing N N 7   
ASP N   H    sing N N 8   
ASP N   H2   sing N N 9   
ASP CA  C    sing N N 10  
ASP CA  CB   sing N N 11  
ASP CA  HA   sing N N 12  
ASP C   O    doub N N 13  
ASP C   OXT  sing N N 14  
ASP CB  CG   sing N N 15  
ASP CB  HB2  sing N N 16  
ASP CB  HB3  sing N N 17  
ASP CG  OD1  doub N N 18  
ASP CG  OD2  sing N N 19  
ASP OD2 HD2  sing N N 20  
ASP OXT HXT  sing N N 21  
CYS N   CA   sing N N 22  
CYS N   H    sing N N 23  
CYS N   H2   sing N N 24  
CYS CA  C    sing N N 25  
CYS CA  CB   sing N N 26  
CYS CA  HA   sing N N 27  
CYS C   O    doub N N 28  
CYS C   OXT  sing N N 29  
CYS CB  SG   sing N N 30  
CYS CB  HB2  sing N N 31  
CYS CB  HB3  sing N N 32  
CYS SG  HG   sing N N 33  
CYS OXT HXT  sing N N 34  
GLN N   CA   sing N N 35  
GLN N   H    sing N N 36  
GLN N   H2   sing N N 37  
GLN CA  C    sing N N 38  
GLN CA  CB   sing N N 39  
GLN CA  HA   sing N N 40  
GLN C   O    doub N N 41  
GLN C   OXT  sing N N 42  
GLN CB  CG   sing N N 43  
GLN CB  HB2  sing N N 44  
GLN CB  HB3  sing N N 45  
GLN CG  CD   sing N N 46  
GLN CG  HG2  sing N N 47  
GLN CG  HG3  sing N N 48  
GLN CD  OE1  doub N N 49  
GLN CD  NE2  sing N N 50  
GLN NE2 HE21 sing N N 51  
GLN NE2 HE22 sing N N 52  
GLN OXT HXT  sing N N 53  
GLU N   CA   sing N N 54  
GLU N   H    sing N N 55  
GLU N   H2   sing N N 56  
GLU CA  C    sing N N 57  
GLU CA  CB   sing N N 58  
GLU CA  HA   sing N N 59  
GLU C   O    doub N N 60  
GLU C   OXT  sing N N 61  
GLU CB  CG   sing N N 62  
GLU CB  HB2  sing N N 63  
GLU CB  HB3  sing N N 64  
GLU CG  CD   sing N N 65  
GLU CG  HG2  sing N N 66  
GLU CG  HG3  sing N N 67  
GLU CD  OE1  doub N N 68  
GLU CD  OE2  sing N N 69  
GLU OE2 HE2  sing N N 70  
GLU OXT HXT  sing N N 71  
GLY N   CA   sing N N 72  
GLY N   H    sing N N 73  
GLY N   H2   sing N N 74  
GLY CA  C    sing N N 75  
GLY CA  HA2  sing N N 76  
GLY CA  HA3  sing N N 77  
GLY C   O    doub N N 78  
GLY C   OXT  sing N N 79  
GLY OXT HXT  sing N N 80  
ILE N   CA   sing N N 81  
ILE N   H    sing N N 82  
ILE N   H2   sing N N 83  
ILE CA  C    sing N N 84  
ILE CA  CB   sing N N 85  
ILE CA  HA   sing N N 86  
ILE C   O    doub N N 87  
ILE C   OXT  sing N N 88  
ILE CB  CG1  sing N N 89  
ILE CB  CG2  sing N N 90  
ILE CB  HB   sing N N 91  
ILE CG1 CD1  sing N N 92  
ILE CG1 HG12 sing N N 93  
ILE CG1 HG13 sing N N 94  
ILE CG2 HG21 sing N N 95  
ILE CG2 HG22 sing N N 96  
ILE CG2 HG23 sing N N 97  
ILE CD1 HD11 sing N N 98  
ILE CD1 HD12 sing N N 99  
ILE CD1 HD13 sing N N 100 
ILE OXT HXT  sing N N 101 
LYS N   CA   sing N N 102 
LYS N   H    sing N N 103 
LYS N   H2   sing N N 104 
LYS CA  C    sing N N 105 
LYS CA  CB   sing N N 106 
LYS CA  HA   sing N N 107 
LYS C   O    doub N N 108 
LYS C   OXT  sing N N 109 
LYS CB  CG   sing N N 110 
LYS CB  HB2  sing N N 111 
LYS CB  HB3  sing N N 112 
LYS CG  CD   sing N N 113 
LYS CG  HG2  sing N N 114 
LYS CG  HG3  sing N N 115 
LYS CD  CE   sing N N 116 
LYS CD  HD2  sing N N 117 
LYS CD  HD3  sing N N 118 
LYS CE  NZ   sing N N 119 
LYS CE  HE2  sing N N 120 
LYS CE  HE3  sing N N 121 
LYS NZ  HZ1  sing N N 122 
LYS NZ  HZ2  sing N N 123 
LYS NZ  HZ3  sing N N 124 
LYS OXT HXT  sing N N 125 
PHE N   CA   sing N N 126 
PHE N   H    sing N N 127 
PHE N   H2   sing N N 128 
PHE CA  C    sing N N 129 
PHE CA  CB   sing N N 130 
PHE CA  HA   sing N N 131 
PHE C   O    doub N N 132 
PHE C   OXT  sing N N 133 
PHE CB  CG   sing N N 134 
PHE CB  HB2  sing N N 135 
PHE CB  HB3  sing N N 136 
PHE CG  CD1  doub Y N 137 
PHE CG  CD2  sing Y N 138 
PHE CD1 CE1  sing Y N 139 
PHE CD1 HD1  sing N N 140 
PHE CD2 CE2  doub Y N 141 
PHE CD2 HD2  sing N N 142 
PHE CE1 CZ   doub Y N 143 
PHE CE1 HE1  sing N N 144 
PHE CE2 CZ   sing Y N 145 
PHE CE2 HE2  sing N N 146 
PHE CZ  HZ   sing N N 147 
PHE OXT HXT  sing N N 148 
PRO N   CA   sing N N 149 
PRO N   CD   sing N N 150 
PRO N   H    sing N N 151 
PRO CA  C    sing N N 152 
PRO CA  CB   sing N N 153 
PRO CA  HA   sing N N 154 
PRO C   O    doub N N 155 
PRO C   OXT  sing N N 156 
PRO CB  CG   sing N N 157 
PRO CB  HB2  sing N N 158 
PRO CB  HB3  sing N N 159 
PRO CG  CD   sing N N 160 
PRO CG  HG2  sing N N 161 
PRO CG  HG3  sing N N 162 
PRO CD  HD2  sing N N 163 
PRO CD  HD3  sing N N 164 
PRO OXT HXT  sing N N 165 
SER N   CA   sing N N 166 
SER N   H    sing N N 167 
SER N   H2   sing N N 168 
SER CA  C    sing N N 169 
SER CA  CB   sing N N 170 
SER CA  HA   sing N N 171 
SER C   O    doub N N 172 
SER C   OXT  sing N N 173 
SER CB  OG   sing N N 174 
SER CB  HB2  sing N N 175 
SER CB  HB3  sing N N 176 
SER OG  HG   sing N N 177 
SER OXT HXT  sing N N 178 
THR N   CA   sing N N 179 
THR N   H    sing N N 180 
THR N   H2   sing N N 181 
THR CA  C    sing N N 182 
THR CA  CB   sing N N 183 
THR CA  HA   sing N N 184 
THR C   O    doub N N 185 
THR C   OXT  sing N N 186 
THR CB  OG1  sing N N 187 
THR CB  CG2  sing N N 188 
THR CB  HB   sing N N 189 
THR OG1 HG1  sing N N 190 
THR CG2 HG21 sing N N 191 
THR CG2 HG22 sing N N 192 
THR CG2 HG23 sing N N 193 
THR OXT HXT  sing N N 194 
# 
_atom_sites.entry_id                    1NIL 
_atom_sites.fract_transf_matrix[1][1]   1.000000 
_atom_sites.fract_transf_matrix[1][2]   0.000000 
_atom_sites.fract_transf_matrix[1][3]   0.000000 
_atom_sites.fract_transf_matrix[2][1]   0.000000 
_atom_sites.fract_transf_matrix[2][2]   1.000000 
_atom_sites.fract_transf_matrix[2][3]   0.000000 
_atom_sites.fract_transf_matrix[3][1]   0.000000 
_atom_sites.fract_transf_matrix[3][2]   0.000000 
_atom_sites.fract_transf_matrix[3][3]   1.000000 
_atom_sites.fract_transf_vector[1]      0.00000 
_atom_sites.fract_transf_vector[2]      0.00000 
_atom_sites.fract_transf_vector[3]      0.00000 
# 
loop_
_atom_type.symbol 
C 
H 
N 
O 
S 
# 
loop_
_atom_site.group_PDB 
_atom_site.id 
_atom_site.type_symbol 
_atom_site.label_atom_id 
_atom_site.label_alt_id 
_atom_site.label_comp_id 
_atom_site.label_asym_id 
_atom_site.label_entity_id 
_atom_site.label_seq_id 
_atom_site.pdbx_PDB_ins_code 
_atom_site.Cartn_x 
_atom_site.Cartn_y 
_atom_site.Cartn_z 
_atom_site.occupancy 
_atom_site.B_iso_or_equiv 
_atom_site.pdbx_formal_charge 
_atom_site.auth_seq_id 
_atom_site.auth_comp_id 
_atom_site.auth_asym_id 
_atom_site.auth_atom_id 
_atom_site.pdbx_PDB_model_num 
HETATM 1   C C    . ACE A 1 1  ? 4.394  2.448   -3.598 1.00 0.00 ? 127 ACE A C    1 
HETATM 2   O O    . ACE A 1 1  ? 3.937  2.400   -4.351 1.00 0.00 ? 127 ACE A O    1 
HETATM 3   C CH3  . ACE A 1 1  ? 4.846  3.446   -3.356 1.00 0.00 ? 127 ACE A CH3  1 
HETATM 4   H H1   . ACE A 1 1  ? 5.068  3.690   -3.520 1.00 0.00 ? 127 ACE A H1   1 
HETATM 5   H H2   . ACE A 1 1  ? 5.013  3.620   -2.978 1.00 0.00 ? 127 ACE A H2   1 
HETATM 6   H H3   . ACE A 1 1  ? 4.807  3.825   -3.391 1.00 0.00 ? 127 ACE A H3   1 
ATOM   7   N N    . LYS A 1 2  ? 4.526  1.663   -2.940 1.00 0.00 ? 128 LYS A N    1 
ATOM   8   C CA   . LYS A 1 2  ? 4.135  0.628   -3.055 1.00 0.00 ? 128 LYS A CA   1 
ATOM   9   C C    . LYS A 1 2  ? 3.104  0.465   -2.350 1.00 0.00 ? 128 LYS A C    1 
ATOM   10  O O    . LYS A 1 2  ? 3.094  0.692   -1.394 1.00 0.00 ? 128 LYS A O    1 
ATOM   11  C CB   . LYS A 1 2  ? 5.005  -0.284  -2.838 1.00 0.00 ? 128 LYS A CB   1 
ATOM   12  C CG   . LYS A 1 2  ? 5.824  -0.501  -2.252 1.00 0.00 ? 128 LYS A CG   1 
ATOM   13  C CD   . LYS A 1 2  ? 6.642  -1.278  -1.980 1.00 0.00 ? 128 LYS A CD   1 
ATOM   14  C CE   . LYS A 1 2  ? 7.470  -1.593  -1.475 1.00 0.00 ? 128 LYS A CE   1 
ATOM   15  N NZ   . LYS A 1 2  ? 8.259  -2.149  -1.118 1.00 0.00 ? 128 LYS A NZ   1 
ATOM   16  H H    . LYS A 1 2  ? 4.923  1.820   -2.348 1.00 0.00 ? 128 LYS A H    1 
ATOM   17  H HA   . LYS A 1 2  ? 3.943  0.616   -3.862 1.00 0.00 ? 128 LYS A HA   1 
ATOM   18  H HB2  . LYS A 1 2  ? 4.825  -0.709  -2.779 1.00 0.00 ? 128 LYS A HB2  1 
ATOM   19  H HB3  . LYS A 1 2  ? 5.237  -0.438  -3.229 1.00 0.00 ? 128 LYS A HB3  1 
ATOM   20  H HG2  . LYS A 1 2  ? 5.751  -0.228  -2.263 1.00 0.00 ? 128 LYS A HG2  1 
ATOM   21  H HG3  . LYS A 1 2  ? 5.893  -0.342  -1.996 1.00 0.00 ? 128 LYS A HG3  1 
ATOM   22  H HD2  . LYS A 1 2  ? 6.435  -1.602  -2.099 1.00 0.00 ? 128 LYS A HD2  1 
ATOM   23  H HD3  . LYS A 1 2  ? 6.832  -1.311  -2.049 1.00 0.00 ? 128 LYS A HD3  1 
ATOM   24  H HE2  . LYS A 1 2  ? 7.452  -1.385  -1.407 1.00 0.00 ? 128 LYS A HE2  1 
ATOM   25  H HE3  . LYS A 1 2  ? 7.512  -1.614  -1.431 1.00 0.00 ? 128 LYS A HE3  1 
ATOM   26  H HZ1  . LYS A 1 2  ? 8.440  -2.383  -0.985 1.00 0.00 ? 128 LYS A HZ1  1 
ATOM   27  H HZ2  . LYS A 1 2  ? 8.425  -2.044  -0.907 1.00 0.00 ? 128 LYS A HZ2  1 
ATOM   28  N N    . CYS A 1 3  ? 2.245  0.040   -2.843 1.00 0.00 ? 129 CYS A N    1 
ATOM   29  C CA   . CYS A 1 3  ? 1.180  -0.180  -2.289 1.00 0.00 ? 129 CYS A CA   1 
ATOM   30  C C    . CYS A 1 3  ? 1.303  -1.381  -1.465 1.00 0.00 ? 129 CYS A C    1 
ATOM   31  O O    . CYS A 1 3  ? 1.181  -1.349  -0.398 1.00 0.00 ? 129 CYS A O    1 
ATOM   32  C CB   . CYS A 1 3  ? 0.227  -0.135  -3.248 1.00 0.00 ? 129 CYS A CB   1 
ATOM   33  S SG   . CYS A 1 3  ? -0.082 1.299   -3.933 1.00 0.00 ? 129 CYS A SG   1 
ATOM   34  H H    . CYS A 1 3  ? 2.381  -0.138  -3.631 1.00 0.00 ? 129 CYS A H    1 
ATOM   35  H HA   . CYS A 1 3  ? 0.937  0.571   -1.750 1.00 0.00 ? 129 CYS A HA   1 
ATOM   36  H HB2  . CYS A 1 3  ? 0.420  -0.751  -3.877 1.00 0.00 ? 129 CYS A HB2  1 
ATOM   37  H HB3  . CYS A 1 3  ? -0.528 -0.382  -2.913 1.00 0.00 ? 129 CYS A HB3  1 
ATOM   38  N N    . THR A 1 4  ? 1.569  -2.416  -1.953 1.00 0.00 ? 130 THR A N    1 
ATOM   39  C CA   . THR A 1 4  ? 1.790  -3.607  -1.244 1.00 0.00 ? 130 THR A CA   1 
ATOM   40  C C    . THR A 1 4  ? 3.099  -3.836  -1.015 1.00 0.00 ? 130 THR A C    1 
ATOM   41  O O    . THR A 1 4  ? 3.715  -4.000  -1.843 1.00 0.00 ? 130 THR A O    1 
ATOM   42  C CB   . THR A 1 4  ? 1.251  -4.620  -1.874 1.00 0.00 ? 130 THR A CB   1 
ATOM   43  O OG1  . THR A 1 4  ? 1.654  -4.943  -2.473 1.00 0.00 ? 130 THR A OG1  1 
ATOM   44  C CG2  . THR A 1 4  ? 0.481  -4.560  -2.382 1.00 0.00 ? 130 THR A CG2  1 
ATOM   45  H H    . THR A 1 4  ? 1.634  -2.272  -2.845 1.00 0.00 ? 130 THR A H    1 
ATOM   46  H HA   . THR A 1 4  ? 1.379  -3.606  -0.364 1.00 0.00 ? 130 THR A HA   1 
ATOM   47  H HB   . THR A 1 4  ? 1.084  -5.225  -1.478 1.00 0.00 ? 130 THR A HB   1 
ATOM   48  H HG1  . THR A 1 4  ? 1.804  -4.862  -2.635 1.00 0.00 ? 130 THR A HG1  1 
ATOM   49  H HG21 . THR A 1 4  ? 0.247  -4.620  -2.629 1.00 0.00 ? 130 THR A HG21 1 
ATOM   50  H HG22 . THR A 1 4  ? 0.361  -4.493  -2.585 1.00 0.00 ? 130 THR A HG22 1 
ATOM   51  H HG23 . THR A 1 4  ? 0.219  -4.531  -2.331 1.00 0.00 ? 130 THR A HG23 1 
ATOM   52  N N    . SER A 1 5  ? 3.510  -3.838  0.119  1.00 0.00 ? 131 SER A N    1 
ATOM   53  C CA   . SER A 1 5  ? 4.737  -4.070  0.483  1.00 0.00 ? 131 SER A CA   1 
ATOM   54  C C    . SER A 1 5  ? 5.215  -5.382  0.641  1.00 0.00 ? 131 SER A C    1 
ATOM   55  O O    . SER A 1 5  ? 5.772  -5.848  -0.002 1.00 0.00 ? 131 SER A O    1 
ATOM   56  C CB   . SER A 1 5  ? 4.916  -3.433  1.439  1.00 0.00 ? 131 SER A CB   1 
ATOM   57  O OG   . SER A 1 5  ? 4.996  -3.241  1.574  1.00 0.00 ? 131 SER A OG   1 
ATOM   58  H H    . SER A 1 5  ? 2.903  -3.708  0.729  1.00 0.00 ? 131 SER A H    1 
ATOM   59  H HA   . SER A 1 5  ? 5.201  -3.715  -0.101 1.00 0.00 ? 131 SER A HA   1 
ATOM   60  H HB2  . SER A 1 5  ? 4.892  -3.310  1.853  1.00 0.00 ? 131 SER A HB2  1 
ATOM   61  H HB3  . SER A 1 5  ? 5.034  -3.205  1.656  1.00 0.00 ? 131 SER A HB3  1 
ATOM   62  H HG   . SER A 1 5  ? 5.016  -3.117  1.593  1.00 0.00 ? 131 SER A HG   1 
ATOM   63  N N    . ASP A 1 6  ? 4.979  -5.971  1.465  1.00 0.00 ? 132 ASP A N    1 
ATOM   64  C CA   . ASP A 1 6  ? 5.264  -7.258  1.604  1.00 0.00 ? 132 ASP A CA   1 
ATOM   65  C C    . ASP A 1 6  ? 4.060  -7.722  1.364  1.00 0.00 ? 132 ASP A C    1 
ATOM   66  O O    . ASP A 1 6  ? 4.011  -8.122  0.512  1.00 0.00 ? 132 ASP A O    1 
ATOM   67  C CB   . ASP A 1 6  ? 5.875  -7.617  2.736  1.00 0.00 ? 132 ASP A CB   1 
ATOM   68  C CG   . ASP A 1 6  ? 6.632  -7.809  3.075  1.00 0.00 ? 132 ASP A CG   1 
ATOM   69  O OD1  . ASP A 1 6  ? 6.909  -7.786  3.251  1.00 0.00 ? 132 ASP A OD1  1 
ATOM   70  O OD2  . ASP A 1 6  ? 6.958  -8.007  3.151  1.00 0.00 ? 132 ASP A OD2  1 
ATOM   71  H H    . ASP A 1 6  ? 4.509  -5.482  1.933  1.00 0.00 ? 132 ASP A H    1 
ATOM   72  H HA   . ASP A 1 6  ? 5.933  -7.622  0.986  1.00 0.00 ? 132 ASP A HA   1 
ATOM   73  H HB2  . ASP A 1 6  ? 5.819  -7.664  3.075  1.00 0.00 ? 132 ASP A HB2  1 
ATOM   74  H HB3  . ASP A 1 6  ? 5.851  -7.730  3.037  1.00 0.00 ? 132 ASP A HB3  1 
ATOM   75  H HD2  . ASP A 1 6  ? 7.186  -8.131  3.087  1.00 0.00 ? 132 ASP A HD2  1 
ATOM   76  N N    . GLN A 1 7  ? 3.101  -7.646  2.090  1.00 0.00 ? 133 GLN A N    1 
ATOM   77  C CA   . GLN A 1 7  ? 1.866  -7.900  1.911  1.00 0.00 ? 133 GLN A CA   1 
ATOM   78  C C    . GLN A 1 7  ? 0.837  -7.275  2.631  1.00 0.00 ? 133 GLN A C    1 
ATOM   79  O O    . GLN A 1 7  ? 0.464  -7.785  3.563  1.00 0.00 ? 133 GLN A O    1 
ATOM   80  C CB   . GLN A 1 7  ? 1.703  -8.947  2.030  1.00 0.00 ? 133 GLN A CB   1 
ATOM   81  C CG   . GLN A 1 7  ? 0.703  -9.309  1.861  1.00 0.00 ? 133 GLN A CG   1 
ATOM   82  C CD   . GLN A 1 7  ? 0.534  -10.273 1.953  1.00 0.00 ? 133 GLN A CD   1 
ATOM   83  O OE1  . GLN A 1 7  ? 0.514  -10.694 1.957  1.00 0.00 ? 133 GLN A OE1  1 
ATOM   84  N NE2  . GLN A 1 7  ? 0.404  -10.641 2.026  1.00 0.00 ? 133 GLN A NE2  1 
ATOM   85  H H    . GLN A 1 7  ? 3.254  -7.294  2.763  1.00 0.00 ? 133 GLN A H    1 
ATOM   86  H HA   . GLN A 1 7  ? 1.840  -7.737  1.156  1.00 0.00 ? 133 GLN A HA   1 
ATOM   87  H HB2  . GLN A 1 7  ? 2.269  -9.279  1.639  1.00 0.00 ? 133 GLN A HB2  1 
ATOM   88  H HB3  . GLN A 1 7  ? 1.805  -9.165  2.616  1.00 0.00 ? 133 GLN A HB3  1 
ATOM   89  H HG2  . GLN A 1 7  ? 0.535  -9.103  1.839  1.00 0.00 ? 133 GLN A HG2  1 
ATOM   90  H HG3  . GLN A 1 7  ? 0.210  -9.043  1.673  1.00 0.00 ? 133 GLN A HG3  1 
ATOM   91  H HE21 . GLN A 1 7  ? 0.325  -10.595 2.128  1.00 0.00 ? 133 GLN A HE21 1 
ATOM   92  H HE22 . GLN A 1 7  ? 0.391  -10.941 1.974  1.00 0.00 ? 133 GLN A HE22 1 
ATOM   93  N N    . ASP A 1 8  ? 0.407  -6.155  2.193  1.00 0.00 ? 134 ASP A N    1 
ATOM   94  C CA   . ASP A 1 8  ? -0.555 -5.414  2.802  1.00 0.00 ? 134 ASP A CA   1 
ATOM   95  C C    . ASP A 1 8  ? -1.678 -5.180  1.830  1.00 0.00 ? 134 ASP A C    1 
ATOM   96  O O    . ASP A 1 8  ? -1.766 -4.157  1.161  1.00 0.00 ? 134 ASP A O    1 
ATOM   97  C CB   . ASP A 1 8  ? -0.023 -4.179  3.268  1.00 0.00 ? 134 ASP A CB   1 
ATOM   98  C CG   . ASP A 1 8  ? 0.795  -4.372  4.287  1.00 0.00 ? 134 ASP A CG   1 
ATOM   99  O OD1  . ASP A 1 8  ? 1.220  -4.544  4.579  1.00 0.00 ? 134 ASP A OD1  1 
ATOM   100 O OD2  . ASP A 1 8  ? 0.990  -4.332  4.826  1.00 0.00 ? 134 ASP A OD2  1 
ATOM   101 H H    . ASP A 1 8  ? 0.820  -5.832  1.439  1.00 0.00 ? 134 ASP A H    1 
ATOM   102 H HA   . ASP A 1 8  ? -0.876 -5.935  3.653  1.00 0.00 ? 134 ASP A HA   1 
ATOM   103 H HB2  . ASP A 1 8  ? 0.431  -3.748  2.570  1.00 0.00 ? 134 ASP A HB2  1 
ATOM   104 H HB3  . ASP A 1 8  ? -0.705 -3.462  3.540  1.00 0.00 ? 134 ASP A HB3  1 
ATOM   105 H HD2  . ASP A 1 8  ? 1.076  -4.371  5.119  1.00 0.00 ? 134 ASP A HD2  1 
ATOM   106 N N    . GLU A 1 9  ? -2.553 -6.148  1.773  1.00 0.00 ? 135 GLU A N    1 
ATOM   107 C CA   . GLU A 1 9  ? -3.693 -6.094  0.884  1.00 0.00 ? 135 GLU A CA   1 
ATOM   108 C C    . GLU A 1 9  ? -4.767 -5.147  1.374  1.00 0.00 ? 135 GLU A C    1 
ATOM   109 O O    . GLU A 1 9  ? -5.188 -4.298  0.618  1.00 0.00 ? 135 GLU A O    1 
ATOM   110 C CB   . GLU A 1 9  ? -4.219 -7.508  0.666  1.00 0.00 ? 135 GLU A CB   1 
ATOM   111 C CG   . GLU A 1 9  ? -3.295 -8.416  -0.084 1.00 0.00 ? 135 GLU A CG   1 
ATOM   112 C CD   . GLU A 1 9  ? -3.720 -9.695  -0.368 1.00 0.00 ? 135 GLU A CD   1 
ATOM   113 O OE1  . GLU A 1 9  ? -3.635 -10.400 -0.125 1.00 0.00 ? 135 GLU A OE1  1 
ATOM   114 O OE2  . GLU A 1 9  ? -4.198 -9.957  -0.921 1.00 0.00 ? 135 GLU A OE2  1 
ATOM   115 H H    . GLU A 1 9  ? -2.383 -6.945  2.381  1.00 0.00 ? 135 GLU A H    1 
ATOM   116 H HA   . GLU A 1 9  ? -3.382 -5.697  -0.072 1.00 0.00 ? 135 GLU A HA   1 
ATOM   117 H HB2  . GLU A 1 9  ? -4.474 -7.950  1.557  1.00 0.00 ? 135 GLU A HB2  1 
ATOM   118 H HB3  . GLU A 1 9  ? -5.114 -7.476  0.187  1.00 0.00 ? 135 GLU A HB3  1 
ATOM   119 H HG2  . GLU A 1 9  ? -2.818 -8.262  -0.294 1.00 0.00 ? 135 GLU A HG2  1 
ATOM   120 H HG3  . GLU A 1 9  ? -2.702 -8.291  -0.241 1.00 0.00 ? 135 GLU A HG3  1 
ATOM   121 H HE2  . GLU A 1 9  ? -4.296 -9.823  -1.216 1.00 0.00 ? 135 GLU A HE2  1 
ATOM   122 N N    . GLN A 1 10 ? -5.182 -5.263  2.621  1.00 0.00 ? 136 GLN A N    1 
ATOM   123 C CA   . GLN A 1 10 ? -6.098 -4.318  3.229  1.00 0.00 ? 136 GLN A CA   1 
ATOM   124 C C    . GLN A 1 10 ? -5.517 -2.928  3.550  1.00 0.00 ? 136 GLN A C    1 
ATOM   125 O O    . GLN A 1 10 ? -6.276 -2.007  3.703  1.00 0.00 ? 136 GLN A O    1 
ATOM   126 C CB   . GLN A 1 10 ? -6.690 -4.976  4.480  1.00 0.00 ? 136 GLN A CB   1 
ATOM   127 C CG   . GLN A 1 10 ? -7.307 -5.652  4.753  1.00 0.00 ? 136 GLN A CG   1 
ATOM   128 C CD   . GLN A 1 10 ? -7.858 -6.196  5.732  1.00 0.00 ? 136 GLN A CD   1 
ATOM   129 O OE1  . GLN A 1 10 ? -8.296 -6.169  6.168  1.00 0.00 ? 136 GLN A OE1  1 
ATOM   130 N NE2  . GLN A 1 10 ? -7.852 -6.698  6.100  1.00 0.00 ? 136 GLN A NE2  1 
ATOM   131 H H    . GLN A 1 10 ? -4.750 -5.999  3.155  1.00 0.00 ? 136 GLN A H    1 
ATOM   132 H HA   . GLN A 1 10 ? -6.896 -4.134  2.534  1.00 0.00 ? 136 GLN A HA   1 
ATOM   133 H HB2  . GLN A 1 10 ? -6.735 -4.984  4.865  1.00 0.00 ? 136 GLN A HB2  1 
ATOM   134 H HB3  . GLN A 1 10 ? -6.671 -4.948  4.897  1.00 0.00 ? 136 GLN A HB3  1 
ATOM   135 H HG2  . GLN A 1 10 ? -7.397 -5.736  4.425  1.00 0.00 ? 136 GLN A HG2  1 
ATOM   136 H HG3  . GLN A 1 10 ? -7.279 -5.672  4.529  1.00 0.00 ? 136 GLN A HG3  1 
ATOM   137 H HE21 . GLN A 1 10 ? -7.803 -6.827  6.090  1.00 0.00 ? 136 GLN A HE21 1 
ATOM   138 H HE22 . GLN A 1 10 ? -7.896 -6.917  6.363  1.00 0.00 ? 136 GLN A HE22 1 
ATOM   139 N N    . PHE A 1 11 ? -4.220 -2.766  3.643  1.00 0.00 ? 137 PHE A N    1 
ATOM   140 C CA   . PHE A 1 11 ? -3.581 -1.487  3.939  1.00 0.00 ? 137 PHE A CA   1 
ATOM   141 C C    . PHE A 1 11 ? -2.790 -0.995  2.752  1.00 0.00 ? 137 PHE A C    1 
ATOM   142 O O    . PHE A 1 11 ? -1.964 -1.666  2.289  1.00 0.00 ? 137 PHE A O    1 
ATOM   143 C CB   . PHE A 1 11 ? -2.728 -1.664  5.147  1.00 0.00 ? 137 PHE A CB   1 
ATOM   144 C CG   . PHE A 1 11 ? -1.929 -0.423  5.507  1.00 0.00 ? 137 PHE A CG   1 
ATOM   145 C CD1  . PHE A 1 11 ? -1.535 0.120   5.616  1.00 0.00 ? 137 PHE A CD1  1 
ATOM   146 C CD2  . PHE A 1 11 ? -1.605 0.209   5.630  1.00 0.00 ? 137 PHE A CD2  1 
ATOM   147 C CE1  . PHE A 1 11 ? -0.833 1.279   5.839  1.00 0.00 ? 137 PHE A CE1  1 
ATOM   148 C CE2  . PHE A 1 11 ? -0.903 1.368   5.852  1.00 0.00 ? 137 PHE A CE2  1 
ATOM   149 C CZ   . PHE A 1 11 ? -0.517 1.902   5.955  1.00 0.00 ? 137 PHE A CZ   1 
ATOM   150 H H    . PHE A 1 11 ? -3.707 -3.582  3.385  1.00 0.00 ? 137 PHE A H    1 
ATOM   151 H HA   . PHE A 1 11 ? -4.304 -0.750  4.180  1.00 0.00 ? 137 PHE A HA   1 
ATOM   152 H HB2  . PHE A 1 11 ? -3.354 -1.948  5.970  1.00 0.00 ? 137 PHE A HB2  1 
ATOM   153 H HB3  . PHE A 1 11 ? -2.089 -2.512  5.038  1.00 0.00 ? 137 PHE A HB3  1 
ATOM   154 H HD1  . PHE A 1 11 ? -1.778 -0.341  5.499  1.00 0.00 ? 137 PHE A HD1  1 
ATOM   155 H HD2  . PHE A 1 11 ? -1.904 -0.181  5.522  1.00 0.00 ? 137 PHE A HD2  1 
ATOM   156 H HE1  . PHE A 1 11 ? -0.534 1.698   5.909  1.00 0.00 ? 137 PHE A HE1  1 
ATOM   157 H HE2  . PHE A 1 11 ? -0.660 1.857   5.931  1.00 0.00 ? 137 PHE A HE2  1 
ATOM   158 H HZ   . PHE A 1 11 ? 0.025  2.804   6.119  1.00 0.00 ? 137 PHE A HZ   1 
ATOM   159 N N    . ILE A 1 12 ? -3.022 0.226   2.323  1.00 0.00 ? 138 ILE A N    1 
ATOM   160 C CA   . ILE A 1 12 ? -2.218 0.942   1.336  1.00 0.00 ? 138 ILE A CA   1 
ATOM   161 C C    . ILE A 1 12 ? -1.613 2.193   2.028  1.00 0.00 ? 138 ILE A C    1 
ATOM   162 O O    . ILE A 1 12 ? -2.332 2.901   2.698  1.00 0.00 ? 138 ILE A O    1 
ATOM   163 C CB   . ILE A 1 12 ? -2.959 1.278   0.043  1.00 0.00 ? 138 ILE A CB   1 
ATOM   164 C CG1  . ILE A 1 12 ? -4.158 2.205   0.162  1.00 0.00 ? 138 ILE A CG1  1 
ATOM   165 C CG2  . ILE A 1 12 ? -3.361 -0.022  -0.651 1.00 0.00 ? 138 ILE A CG2  1 
ATOM   166 C CD1  . ILE A 1 12 ? -3.881 3.692   -0.013 1.00 0.00 ? 138 ILE A CD1  1 
ATOM   167 H H    . ILE A 1 12 ? -3.730 0.678   2.801  1.00 0.00 ? 138 ILE A H    1 
ATOM   168 H HA   . ILE A 1 12 ? -1.413 0.289   1.045  1.00 0.00 ? 138 ILE A HA   1 
ATOM   169 H HB   . ILE A 1 12 ? -2.258 1.774   -0.619 1.00 0.00 ? 138 ILE A HB   1 
ATOM   170 H HG12 . ILE A 1 12 ? -4.826 1.989   0.232  1.00 0.00 ? 138 ILE A HG12 1 
ATOM   171 H HG13 . ILE A 1 12 ? -4.709 2.002   0.282  1.00 0.00 ? 138 ILE A HG13 1 
ATOM   172 H HG21 . ILE A 1 12 ? -3.694 -0.456  -0.614 1.00 0.00 ? 138 ILE A HG21 1 
ATOM   173 H HG22 . ILE A 1 12 ? -3.308 -0.398  -0.855 1.00 0.00 ? 138 ILE A HG22 1 
ATOM   174 H HG23 . ILE A 1 12 ? -3.393 -0.249  -1.049 1.00 0.00 ? 138 ILE A HG23 1 
ATOM   175 H HD11 . ILE A 1 12 ? -3.752 4.055   -0.271 1.00 0.00 ? 138 ILE A HD11 1 
ATOM   176 H HD12 . ILE A 1 12 ? -3.880 4.110   0.067  1.00 0.00 ? 138 ILE A HD12 1 
ATOM   177 H HD13 . ILE A 1 12 ? -3.810 4.102   0.015  1.00 0.00 ? 138 ILE A HD13 1 
ATOM   178 N N    . PRO A 1 13 ? -0.327 2.525   1.907  1.00 0.00 ? 139 PRO A N    1 
ATOM   179 C CA   . PRO A 1 13 ? 0.272  3.693   2.563  1.00 0.00 ? 139 PRO A CA   1 
ATOM   180 C C    . PRO A 1 13 ? -0.044 5.057   1.904  1.00 0.00 ? 139 PRO A C    1 
ATOM   181 O O    . PRO A 1 13 ? -0.621 5.142   0.852  1.00 0.00 ? 139 PRO A O    1 
ATOM   182 C CB   . PRO A 1 13 ? 1.724  3.329   2.518  1.00 0.00 ? 139 PRO A CB   1 
ATOM   183 C CG   . PRO A 1 13 ? 1.888  2.517   1.279  1.00 0.00 ? 139 PRO A CG   1 
ATOM   184 C CD   . PRO A 1 13 ? 0.624  1.728   1.182  1.00 0.00 ? 139 PRO A CD   1 
ATOM   185 H HA   . PRO A 1 13 ? -0.042 3.728   3.593  1.00 0.00 ? 139 PRO A HA   1 
ATOM   186 H HB2  . PRO A 1 13 ? 2.320  4.029   2.627  1.00 0.00 ? 139 PRO A HB2  1 
ATOM   187 H HB3  . PRO A 1 13 ? 2.038  2.896   3.277  1.00 0.00 ? 139 PRO A HB3  1 
ATOM   188 H HG2  . PRO A 1 13 ? 2.406  2.533   0.777  1.00 0.00 ? 139 PRO A HG2  1 
ATOM   189 H HG3  . PRO A 1 13 ? 2.342  2.528   0.962  1.00 0.00 ? 139 PRO A HG3  1 
ATOM   190 H HD2  . PRO A 1 13 ? 0.368  1.519   0.271  1.00 0.00 ? 139 PRO A HD2  1 
ATOM   191 H HD3  . PRO A 1 13 ? 0.684  0.805   1.515  1.00 0.00 ? 139 PRO A HD3  1 
ATOM   192 N N    . LYS A 1 14 ? 0.367  6.126   2.551  1.00 0.00 ? 140 LYS A N    1 
ATOM   193 C CA   . LYS A 1 14 ? 0.191  7.497   2.059  1.00 0.00 ? 140 LYS A CA   1 
ATOM   194 C C    . LYS A 1 14 ? 1.166  7.757   0.928  1.00 0.00 ? 140 LYS A C    1 
ATOM   195 O O    . LYS A 1 14 ? 2.338  7.861   1.136  1.00 0.00 ? 140 LYS A O    1 
ATOM   196 C CB   . LYS A 1 14 ? 0.373  8.462   3.212  1.00 0.00 ? 140 LYS A CB   1 
ATOM   197 C CG   . LYS A 1 14 ? -0.134 9.418   3.315  1.00 0.00 ? 140 LYS A CG   1 
ATOM   198 C CD   . LYS A 1 14 ? 0.043  10.323  4.272  1.00 0.00 ? 140 LYS A CD   1 
ATOM   199 C CE   . LYS A 1 14 ? -0.352 11.453  4.219  1.00 0.00 ? 140 LYS A CE   1 
ATOM   200 N NZ   . LYS A 1 14 ? -0.289 12.038  4.713  1.00 0.00 ? 140 LYS A NZ   1 
ATOM   201 H H    . LYS A 1 14 ? 0.880  5.919   3.378  1.00 0.00 ? 140 LYS A H    1 
ATOM   202 H HA   . LYS A 1 14 ? -0.824 7.612   1.702  1.00 0.00 ? 140 LYS A HA   1 
ATOM   203 H HB2  . LYS A 1 14 ? 0.591  8.426   3.749  1.00 0.00 ? 140 LYS A HB2  1 
ATOM   204 H HB3  . LYS A 1 14 ? 0.679  8.527   3.531  1.00 0.00 ? 140 LYS A HB3  1 
ATOM   205 H HG2  . LYS A 1 14 ? -0.162 9.387   2.886  1.00 0.00 ? 140 LYS A HG2  1 
ATOM   206 H HG3  . LYS A 1 14 ? -0.646 9.484   3.088  1.00 0.00 ? 140 LYS A HG3  1 
ATOM   207 H HD2  . LYS A 1 14 ? 0.177  10.274  4.704  1.00 0.00 ? 140 LYS A HD2  1 
ATOM   208 H HD3  . LYS A 1 14 ? 0.355  10.192  4.641  1.00 0.00 ? 140 LYS A HD3  1 
ATOM   209 H HE2  . LYS A 1 14 ? -0.500 11.634  3.896  1.00 0.00 ? 140 LYS A HE2  1 
ATOM   210 H HE3  . LYS A 1 14 ? -0.559 11.699  4.125  1.00 0.00 ? 140 LYS A HE3  1 
ATOM   211 H HZ1  . LYS A 1 14 ? -0.295 12.332  4.858  1.00 0.00 ? 140 LYS A HZ1  1 
ATOM   212 H HZ2  . LYS A 1 14 ? -0.132 12.091  4.825  1.00 0.00 ? 140 LYS A HZ2  1 
ATOM   213 N N    . GLY A 1 15 ? 0.624  7.833   -0.265 1.00 0.00 ? 141 GLY A N    1 
ATOM   214 C CA   . GLY A 1 15 ? 1.372  7.926   -1.495 1.00 0.00 ? 141 GLY A CA   1 
ATOM   215 C C    . GLY A 1 15 ? 1.234  6.815   -2.477 1.00 0.00 ? 141 GLY A C    1 
ATOM   216 O O    . GLY A 1 15 ? 1.838  6.896   -3.469 1.00 0.00 ? 141 GLY A O    1 
ATOM   217 H H    . GLY A 1 15 ? -0.341 7.603   -0.248 1.00 0.00 ? 141 GLY A H    1 
ATOM   218 H HA2  . GLY A 1 15 ? 1.065  8.814   -2.008 1.00 0.00 ? 141 GLY A HA2  1 
ATOM   219 H HA3  . GLY A 1 15 ? 2.394  8.059   -1.300 1.00 0.00 ? 141 GLY A HA3  1 
ATOM   220 N N    . CYS A 1 16 ? 0.457  5.812   -2.243 1.00 0.00 ? 142 CYS A N    1 
ATOM   221 C CA   . CYS A 1 16 ? 0.199  4.762   -3.165 1.00 0.00 ? 142 CYS A CA   1 
ATOM   222 C C    . CYS A 1 16 ? -0.669 5.146   -4.236 1.00 0.00 ? 142 CYS A C    1 
ATOM   223 O O    . CYS A 1 16 ? -0.311 5.254   -5.292 1.00 0.00 ? 142 CYS A O    1 
ATOM   224 C CB   . CYS A 1 16 ? -0.247 3.608   -2.470 1.00 0.00 ? 142 CYS A CB   1 
ATOM   225 S SG   . CYS A 1 16 ? -0.538 2.397   -3.575 1.00 0.00 ? 142 CYS A SG   1 
ATOM   226 H H    . CYS A 1 16 ? 0.036  5.849   -1.360 1.00 0.00 ? 142 CYS A H    1 
ATOM   227 H HA   . CYS A 1 16 ? 1.037  4.503   -3.598 1.00 0.00 ? 142 CYS A HA   1 
ATOM   228 H HB2  . CYS A 1 16 ? 0.336  3.333   -1.752 1.00 0.00 ? 142 CYS A HB2  1 
ATOM   229 H HB3  . CYS A 1 16 ? -0.987 3.768   -1.972 1.00 0.00 ? 142 CYS A HB3  1 
ATOM   230 N N    . SER A 1 17 ? -1.779 5.366   -3.956 1.00 0.00 ? 143 SER A N    1 
ATOM   231 C CA   . SER A 1 17 ? -2.669 5.834   -4.854 1.00 0.00 ? 143 SER A CA   1 
ATOM   232 C C    . SER A 1 17 ? -2.827 7.084   -4.502 1.00 0.00 ? 143 SER A C    1 
ATOM   233 O O    . SER A 1 17 ? -3.483 7.358   -3.798 1.00 0.00 ? 143 SER A O    1 
ATOM   234 C CB   . SER A 1 17 ? -3.776 5.112   -4.907 1.00 0.00 ? 143 SER A CB   1 
ATOM   235 O OG   . SER A 1 17 ? -4.190 4.814   -4.785 1.00 0.00 ? 143 SER A OG   1 
ATOM   236 H H    . SER A 1 17 ? -1.918 5.252   -3.037 1.00 0.00 ? 143 SER A H    1 
ATOM   237 H HA   . SER A 1 17 ? -2.406 5.791   -5.767 1.00 0.00 ? 143 SER A HA   1 
ATOM   238 H HB2  . SER A 1 17 ? -4.001 5.082   -5.181 1.00 0.00 ? 143 SER A HB2  1 
ATOM   239 H HB3  . SER A 1 17 ? -4.079 4.819   -4.798 1.00 0.00 ? 143 SER A HB3  1 
ATOM   240 H HG   . SER A 1 17 ? -4.324 4.695   -4.696 1.00 0.00 ? 143 SER A HG   1 
ATOM   241 N N    . LYS A 1 18 ? -2.191 7.833   -4.991 1.00 0.00 ? 144 LYS A N    1 
ATOM   242 C CA   . LYS A 1 18 ? -2.190 9.048   -4.707 1.00 0.00 ? 144 LYS A CA   1 
ATOM   243 C C    . LYS A 1 18 ? -2.314 9.689   -5.632 1.00 0.00 ? 144 LYS A C    1 
ATOM   244 O O    . LYS A 1 18 ? -2.127 9.869   -6.105 1.00 0.00 ? 144 LYS A O    1 
ATOM   245 C CB   . LYS A 1 18 ? -1.298 9.342   -4.081 1.00 0.00 ? 144 LYS A CB   1 
ATOM   246 C CG   . LYS A 1 18 ? -0.912 9.831   -3.292 1.00 0.00 ? 144 LYS A CG   1 
ATOM   247 C CD   . LYS A 1 18 ? -0.230 10.027  -2.881 1.00 0.00 ? 144 LYS A CD   1 
ATOM   248 C CE   . LYS A 1 18 ? 0.173  10.529  -2.077 1.00 0.00 ? 144 LYS A CE   1 
ATOM   249 N NZ   . LYS A 1 18 ? 0.761  10.780  -1.893 1.00 0.00 ? 144 LYS A NZ   1 
ATOM   250 O OXT  . LYS A 1 18 ? -2.662 10.035  -5.868 1.00 0.00 ? 144 LYS A OXT  1 
ATOM   251 H H    . LYS A 1 18 ? -1.665 7.489   -5.542 1.00 0.00 ? 144 LYS A H    1 
ATOM   252 H HA   . LYS A 1 18 ? -2.774 9.282   -4.288 1.00 0.00 ? 144 LYS A HA   1 
ATOM   253 H HB2  . LYS A 1 18 ? -1.138 9.238   -3.973 1.00 0.00 ? 144 LYS A HB2  1 
ATOM   254 H HB3  . LYS A 1 18 ? -1.063 9.302   -4.293 1.00 0.00 ? 144 LYS A HB3  1 
ATOM   255 H HG2  . LYS A 1 18 ? -0.992 9.970   -3.184 1.00 0.00 ? 144 LYS A HG2  1 
ATOM   256 H HG3  . LYS A 1 18 ? -1.059 9.922   -3.097 1.00 0.00 ? 144 LYS A HG3  1 
ATOM   257 H HD2  . LYS A 1 18 ? -0.084 9.792   -2.869 1.00 0.00 ? 144 LYS A HD2  1 
ATOM   258 H HD3  . LYS A 1 18 ? -0.162 10.018  -3.198 1.00 0.00 ? 144 LYS A HD3  1 
ATOM   259 H HE2  . LYS A 1 18 ? 0.002  10.539  -1.992 1.00 0.00 ? 144 LYS A HE2  1 
ATOM   260 H HE3  . LYS A 1 18 ? 0.198  10.713  -1.675 1.00 0.00 ? 144 LYS A HE3  1 
ATOM   261 H HZ1  . LYS A 1 18 ? 0.988  10.873  -1.989 1.00 0.00 ? 144 LYS A HZ1  1 
ATOM   262 H HZ2  . LYS A 1 18 ? 0.913  10.574  -1.764 1.00 0.00 ? 144 LYS A HZ2  1 
ATOM   263 H HXT  . LYS A 1 18 ? -2.471 10.085  -5.888 1.00 0.00 ? 144 LYS A HXT  1 
# 
